data_1U0A
#
_entry.id   1U0A
#
_cell.length_a   75.769
_cell.length_b   88.758
_cell.length_c   154.795
_cell.angle_alpha   90.00
_cell.angle_beta   90.00
_cell.angle_gamma   90.00
#
_symmetry.space_group_name_H-M   'P 21 21 21'
#
loop_
_entity.id
_entity.type
_entity.pdbx_description
1 polymer Beta-glucanase
2 branched beta-D-glucopyranose-(1-4)-beta-D-glucopyranose-(1-4)-beta-D-glucopyranose-(1-3)-beta-D-glucopyranose
3 non-polymer 'CALCIUM ION'
4 non-polymer 'ZINC ION'
5 water water
#
_entity_poly.entity_id   1
_entity_poly.type   'polypeptide(L)'
_entity_poly.pdbx_seq_one_letter_code
;QTGGSFFEPFNSYNSGTWEKADGYSNGGVFNCTWRANNVNFTNDGKLKLGLTSSAYNKFDCAEYRSTNIYGYGLYEVSMK
PAKNTGIVSSFFTYTGPAHGTQWDQIDIQFLGKDTTKVQFNYYTNGVGGHEKVISLGFDASKGFHTYAFDWQPGYIKWYV
DGVLKHTATANIPSTPGKIMMNLWNGTGVDDWLGSYNGANPLYAEYDWVKYTSN
;
_entity_poly.pdbx_strand_id   A,B,C,D
#
loop_
_chem_comp.id
_chem_comp.type
_chem_comp.name
_chem_comp.formula
BGC D-saccharide, beta linking beta-D-glucopyranose 'C6 H12 O6'
CA non-polymer 'CALCIUM ION' 'Ca 2'
ZN non-polymer 'ZINC ION' 'Zn 2'
#
# COMPACT_ATOMS: atom_id res chain seq x y z
N GLN A 1 28.18 -31.02 -24.22
CA GLN A 1 28.01 -29.54 -24.38
C GLN A 1 26.87 -28.99 -23.51
N THR A 2 26.94 -27.70 -23.27
CA THR A 2 25.83 -26.94 -22.74
C THR A 2 24.50 -27.37 -23.36
N GLY A 3 23.48 -27.45 -22.50
CA GLY A 3 22.13 -27.84 -22.88
C GLY A 3 21.50 -26.89 -23.87
N GLY A 4 20.46 -27.37 -24.55
CA GLY A 4 19.80 -26.57 -25.56
C GLY A 4 18.57 -25.91 -24.99
N SER A 5 17.90 -25.12 -25.83
CA SER A 5 16.69 -24.46 -25.43
C SER A 5 15.72 -25.45 -24.84
N PHE A 6 14.85 -24.98 -23.95
CA PHE A 6 13.84 -25.84 -23.34
C PHE A 6 12.75 -25.08 -22.62
N PHE A 7 11.70 -25.81 -22.26
CA PHE A 7 10.62 -25.23 -21.47
C PHE A 7 10.23 -26.21 -20.39
N GLU A 8 10.24 -25.73 -19.14
CA GLU A 8 9.94 -26.57 -17.98
C GLU A 8 8.70 -26.02 -17.29
N PRO A 9 7.59 -26.76 -17.33
CA PRO A 9 6.34 -26.35 -16.68
C PRO A 9 6.17 -26.76 -15.22
N PHE A 10 7.12 -27.52 -14.67
CA PHE A 10 7.09 -27.94 -13.26
C PHE A 10 5.85 -28.74 -12.91
N ASN A 11 5.54 -29.73 -13.72
CA ASN A 11 4.40 -30.58 -13.42
C ASN A 11 4.78 -31.63 -12.41
N SER A 12 6.06 -32.01 -12.42
CA SER A 12 6.56 -33.03 -11.51
C SER A 12 8.07 -33.04 -11.45
N TYR A 13 8.61 -33.79 -10.50
CA TYR A 13 10.03 -33.97 -10.33
C TYR A 13 10.55 -34.81 -11.49
N ASN A 14 11.54 -34.28 -12.18
CA ASN A 14 12.16 -34.98 -13.29
C ASN A 14 13.62 -35.16 -12.97
N SER A 15 13.98 -36.25 -12.31
CA SER A 15 15.36 -36.37 -11.88
C SER A 15 16.32 -36.48 -13.05
N GLY A 16 15.80 -36.48 -14.27
CA GLY A 16 16.63 -36.50 -15.45
C GLY A 16 17.16 -35.14 -15.87
N THR A 17 16.37 -34.10 -15.60
CA THR A 17 16.77 -32.76 -16.00
C THR A 17 17.05 -31.85 -14.80
N TRP A 18 16.51 -32.22 -13.63
CA TRP A 18 16.69 -31.42 -12.43
C TRP A 18 17.12 -32.28 -11.25
N GLU A 19 17.72 -31.64 -10.25
CA GLU A 19 18.12 -32.33 -9.03
C GLU A 19 17.72 -31.45 -7.83
N LYS A 20 17.48 -32.12 -6.72
CA LYS A 20 17.12 -31.44 -5.48
C LYS A 20 18.30 -31.49 -4.56
N ALA A 21 18.76 -30.34 -4.07
CA ALA A 21 19.83 -30.34 -3.12
C ALA A 21 19.31 -31.01 -1.85
N ASP A 22 20.17 -31.77 -1.18
CA ASP A 22 19.73 -32.57 -0.03
C ASP A 22 20.85 -33.05 0.88
N GLY A 23 20.63 -32.88 2.18
CA GLY A 23 21.55 -33.38 3.18
C GLY A 23 22.72 -32.50 3.56
N TYR A 24 22.82 -31.26 3.03
CA TYR A 24 23.90 -30.34 3.40
C TYR A 24 23.40 -28.91 3.40
N SER A 25 24.18 -28.05 4.03
CA SER A 25 23.94 -26.61 4.05
C SER A 25 25.04 -25.93 3.24
N ASN A 26 24.72 -24.87 2.53
CA ASN A 26 25.78 -24.09 1.88
C ASN A 26 26.71 -23.44 2.90
N GLY A 27 26.25 -23.35 4.15
CA GLY A 27 27.03 -22.69 5.19
C GLY A 27 27.11 -21.20 4.96
N GLY A 28 28.03 -20.57 5.68
CA GLY A 28 28.23 -19.15 5.63
C GLY A 28 26.94 -18.43 5.99
N VAL A 29 26.46 -17.63 5.07
CA VAL A 29 25.22 -16.89 5.31
C VAL A 29 23.96 -17.74 5.20
N PHE A 30 24.05 -18.95 4.66
CA PHE A 30 22.88 -19.81 4.48
C PHE A 30 22.59 -20.58 5.78
N ASN A 31 21.66 -20.08 6.56
CA ASN A 31 21.43 -20.66 7.88
C ASN A 31 20.35 -21.74 7.84
N CYS A 32 20.54 -22.68 6.94
CA CYS A 32 19.56 -23.74 6.77
C CYS A 32 20.16 -24.87 5.98
N THR A 33 19.57 -26.04 6.12
CA THR A 33 20.01 -27.24 5.42
C THR A 33 19.07 -27.52 4.27
N TRP A 34 19.62 -27.76 3.08
CA TRP A 34 18.80 -28.10 1.96
C TRP A 34 18.14 -29.46 2.17
N ARG A 35 16.84 -29.57 1.89
CA ARG A 35 16.13 -30.84 1.99
C ARG A 35 15.37 -31.14 0.71
N ALA A 36 15.54 -32.33 0.16
CA ALA A 36 14.73 -32.72 -0.97
C ALA A 36 13.24 -32.70 -0.59
N ASN A 37 12.92 -33.00 0.67
CA ASN A 37 11.53 -32.98 1.10
C ASN A 37 10.92 -31.60 0.99
N ASN A 38 11.76 -30.56 0.75
CA ASN A 38 11.27 -29.17 0.68
C ASN A 38 11.07 -28.65 -0.74
N VAL A 39 11.34 -29.52 -1.71
CA VAL A 39 11.08 -29.22 -3.09
C VAL A 39 9.91 -30.07 -3.53
N ASN A 40 8.78 -29.43 -3.77
CA ASN A 40 7.55 -30.13 -4.11
C ASN A 40 6.83 -29.50 -5.30
N PHE A 41 5.85 -30.22 -5.82
CA PHE A 41 5.09 -29.77 -6.99
C PHE A 41 3.62 -29.75 -6.65
N THR A 42 2.97 -28.61 -6.85
CA THR A 42 1.56 -28.52 -6.54
C THR A 42 0.74 -29.25 -7.58
N ASN A 43 -0.54 -29.34 -7.32
CA ASN A 43 -1.44 -30.01 -8.24
C ASN A 43 -1.59 -29.25 -9.51
N ASP A 44 -1.43 -27.93 -9.43
CA ASP A 44 -1.60 -27.11 -10.61
C ASP A 44 -0.29 -26.76 -11.30
N GLY A 45 0.72 -27.61 -11.13
CA GLY A 45 1.96 -27.47 -11.87
C GLY A 45 2.87 -26.32 -11.50
N LYS A 46 3.01 -26.08 -10.20
CA LYS A 46 3.96 -25.11 -9.68
C LYS A 46 5.01 -25.83 -8.86
N LEU A 47 6.27 -25.46 -9.08
CA LEU A 47 7.35 -25.86 -8.22
C LEU A 47 7.15 -25.04 -6.96
N LYS A 48 7.16 -25.70 -5.80
CA LYS A 48 6.92 -25.01 -4.55
C LYS A 48 8.05 -25.34 -3.60
N LEU A 49 8.90 -24.35 -3.39
CA LEU A 49 10.05 -24.47 -2.50
C LEU A 49 9.63 -24.02 -1.12
N GLY A 50 10.02 -24.79 -0.12
CA GLY A 50 9.61 -24.53 1.23
C GLY A 50 10.77 -24.29 2.17
N LEU A 51 10.53 -23.37 3.10
CA LEU A 51 11.45 -23.08 4.19
C LEU A 51 10.65 -23.47 5.41
N THR A 52 11.15 -24.50 6.09
CA THR A 52 10.43 -25.11 7.19
C THR A 52 11.33 -25.36 8.37
N SER A 53 10.72 -25.85 9.46
CA SER A 53 11.46 -26.15 10.67
C SER A 53 10.78 -27.25 11.46
N SER A 54 11.59 -28.14 12.00
CA SER A 54 11.11 -29.17 12.91
C SER A 54 11.94 -29.21 14.20
N ALA A 55 12.76 -28.19 14.44
CA ALA A 55 13.58 -28.09 15.65
C ALA A 55 13.91 -26.63 15.97
N TYR A 56 14.31 -26.37 17.21
CA TYR A 56 14.53 -25.04 17.73
C TYR A 56 15.52 -24.24 16.94
N ASN A 57 15.05 -23.14 16.38
CA ASN A 57 15.91 -22.25 15.61
C ASN A 57 16.68 -23.02 14.53
N LYS A 58 16.12 -24.11 14.06
CA LYS A 58 16.78 -24.91 13.03
C LYS A 58 15.90 -25.00 11.79
N PHE A 59 16.47 -24.61 10.64
CA PHE A 59 15.69 -24.47 9.44
C PHE A 59 16.14 -25.35 8.28
N ASP A 60 15.14 -25.76 7.53
CA ASP A 60 15.30 -26.57 6.33
C ASP A 60 14.85 -25.76 5.15
N CYS A 61 15.65 -25.74 4.09
CA CYS A 61 15.35 -24.91 2.93
C CYS A 61 15.40 -25.72 1.65
N ALA A 62 15.40 -25.05 0.49
CA ALA A 62 15.19 -25.79 -0.73
C ALA A 62 15.91 -25.17 -1.92
N GLU A 63 16.54 -26.05 -2.70
CA GLU A 63 17.21 -25.60 -3.93
C GLU A 63 17.00 -26.64 -5.01
N TYR A 64 16.57 -26.18 -6.19
CA TYR A 64 16.31 -27.08 -7.33
C TYR A 64 17.29 -26.63 -8.40
N ARG A 65 18.01 -27.60 -8.97
CA ARG A 65 19.11 -27.28 -9.90
C ARG A 65 19.02 -28.09 -11.18
N SER A 66 19.39 -27.49 -12.30
CA SER A 66 19.40 -28.19 -13.57
C SER A 66 20.55 -29.18 -13.55
N THR A 67 20.39 -30.32 -14.22
CA THR A 67 21.49 -31.27 -14.33
C THR A 67 22.42 -30.83 -15.47
N ASN A 68 21.83 -30.22 -16.48
CA ASN A 68 22.57 -29.65 -17.61
C ASN A 68 23.14 -28.26 -17.27
N ILE A 69 24.13 -27.83 -18.05
CA ILE A 69 24.69 -26.50 -17.90
C ILE A 69 24.28 -25.69 -19.11
N TYR A 70 24.20 -24.38 -18.92
CA TYR A 70 23.67 -23.50 -19.94
C TYR A 70 24.51 -22.25 -20.12
N GLY A 71 24.56 -21.77 -21.37
CA GLY A 71 25.33 -20.59 -21.67
C GLY A 71 24.51 -19.41 -22.11
N TYR A 72 25.16 -18.59 -22.95
CA TYR A 72 24.55 -17.38 -23.44
C TYR A 72 23.15 -17.68 -23.98
N GLY A 73 22.21 -16.78 -23.75
CA GLY A 73 20.83 -16.97 -24.16
C GLY A 73 19.84 -16.22 -23.27
N LEU A 74 18.56 -16.40 -23.56
CA LEU A 74 17.47 -15.76 -22.82
C LEU A 74 16.86 -16.69 -21.77
N TYR A 75 16.91 -16.23 -20.52
CA TYR A 75 16.44 -17.00 -19.38
C TYR A 75 15.21 -16.33 -18.82
N GLU A 76 14.10 -17.07 -18.77
CA GLU A 76 12.84 -16.51 -18.30
C GLU A 76 12.20 -17.39 -17.22
N VAL A 77 11.55 -16.76 -16.28
CA VAL A 77 10.90 -17.49 -15.20
C VAL A 77 9.64 -16.76 -14.77
N SER A 78 8.55 -17.51 -14.59
CA SER A 78 7.37 -16.95 -13.98
C SER A 78 7.33 -17.46 -12.54
N MET A 79 7.42 -16.56 -11.57
CA MET A 79 7.47 -16.93 -10.16
C MET A 79 6.80 -15.94 -9.19
N LYS A 80 6.69 -16.39 -7.95
CA LYS A 80 6.05 -15.64 -6.87
C LYS A 80 6.88 -15.93 -5.63
N PRO A 81 7.78 -15.03 -5.29
CA PRO A 81 8.69 -15.24 -4.16
C PRO A 81 8.00 -15.13 -2.81
N ALA A 82 8.67 -15.63 -1.78
CA ALA A 82 8.18 -15.54 -0.42
C ALA A 82 8.38 -14.15 0.15
N LYS A 83 7.50 -13.76 1.06
CA LYS A 83 7.59 -12.49 1.76
C LYS A 83 7.84 -12.75 3.24
N ASN A 84 8.95 -12.24 3.74
CA ASN A 84 9.33 -12.32 5.16
C ASN A 84 10.71 -11.70 5.36
N THR A 85 10.89 -11.05 6.49
CA THR A 85 12.20 -10.55 6.83
C THR A 85 13.18 -11.70 6.86
N GLY A 86 14.40 -11.40 6.40
CA GLY A 86 15.56 -12.26 6.56
C GLY A 86 15.72 -13.44 5.59
N ILE A 87 14.99 -13.43 4.49
CA ILE A 87 15.04 -14.55 3.50
C ILE A 87 15.26 -14.06 2.09
N VAL A 88 15.59 -15.01 1.23
CA VAL A 88 15.76 -14.78 -0.19
C VAL A 88 15.07 -15.90 -0.95
N SER A 89 14.38 -15.49 -2.01
CA SER A 89 13.83 -16.39 -3.04
C SER A 89 14.58 -16.02 -4.34
N SER A 90 15.01 -17.00 -5.13
CA SER A 90 15.85 -16.68 -6.30
C SER A 90 15.61 -17.46 -7.56
N PHE A 91 16.19 -16.94 -8.63
CA PHE A 91 16.34 -17.63 -9.92
C PHE A 91 17.71 -17.15 -10.44
N PHE A 92 18.57 -18.11 -10.78
CA PHE A 92 19.94 -17.77 -11.12
C PHE A 92 20.69 -18.84 -11.90
N THR A 93 21.76 -18.41 -12.58
CA THR A 93 22.70 -19.36 -13.16
C THR A 93 23.89 -19.40 -12.24
N TYR A 94 24.50 -20.56 -12.08
CA TYR A 94 25.66 -20.68 -11.23
C TYR A 94 26.65 -21.78 -11.63
N THR A 95 27.93 -21.43 -11.56
CA THR A 95 29.04 -22.38 -11.57
C THR A 95 30.14 -21.83 -10.64
N GLY A 96 30.95 -22.72 -10.08
CA GLY A 96 32.02 -22.31 -9.20
C GLY A 96 32.93 -23.48 -8.79
N PRO A 97 33.76 -23.25 -7.78
CA PRO A 97 34.76 -24.24 -7.33
C PRO A 97 34.22 -25.61 -7.06
N ALA A 98 33.07 -25.69 -6.39
CA ALA A 98 32.47 -26.97 -6.09
C ALA A 98 32.09 -27.67 -7.38
N HIS A 99 32.06 -26.92 -8.49
CA HIS A 99 31.73 -27.50 -9.77
C HIS A 99 33.01 -27.69 -10.60
N GLY A 100 34.14 -27.24 -10.08
CA GLY A 100 35.41 -27.39 -10.80
C GLY A 100 35.60 -26.31 -11.85
N THR A 101 35.08 -25.12 -11.57
CA THR A 101 35.28 -23.96 -12.43
C THR A 101 35.40 -22.71 -11.61
N GLN A 102 35.69 -21.62 -12.31
CA GLN A 102 35.74 -20.33 -11.69
C GLN A 102 34.28 -19.97 -11.35
N TRP A 103 34.13 -18.98 -10.49
CA TRP A 103 32.80 -18.55 -10.02
C TRP A 103 32.16 -17.54 -10.99
N ASP A 104 31.24 -18.03 -11.82
CA ASP A 104 30.44 -17.20 -12.73
C ASP A 104 28.97 -17.42 -12.45
N GLN A 105 28.22 -16.33 -12.25
CA GLN A 105 26.80 -16.45 -11.96
C GLN A 105 26.04 -15.21 -12.43
N ILE A 106 24.75 -15.37 -12.69
CA ILE A 106 23.88 -14.23 -12.95
C ILE A 106 22.66 -14.49 -12.07
N ASP A 107 22.25 -13.53 -11.27
CA ASP A 107 21.20 -13.84 -10.32
C ASP A 107 20.09 -12.79 -10.21
N ILE A 108 18.88 -13.29 -9.99
CA ILE A 108 17.73 -12.50 -9.62
C ILE A 108 17.38 -12.94 -8.20
N GLN A 109 17.38 -11.99 -7.28
CA GLN A 109 17.03 -12.30 -5.89
C GLN A 109 15.96 -11.38 -5.35
N PHE A 110 14.96 -11.99 -4.74
CA PHE A 110 13.88 -11.25 -4.12
C PHE A 110 14.16 -11.32 -2.62
N LEU A 111 14.53 -10.18 -2.03
CA LEU A 111 14.79 -10.13 -0.60
C LEU A 111 13.42 -10.06 0.05
N GLY A 112 13.10 -11.07 0.89
CA GLY A 112 11.81 -11.15 1.54
C GLY A 112 11.42 -9.94 2.38
N LYS A 113 12.41 -9.17 2.79
CA LYS A 113 12.17 -7.98 3.62
C LYS A 113 11.42 -6.90 2.87
N ASP A 114 11.47 -6.96 1.54
CA ASP A 114 10.71 -6.02 0.73
C ASP A 114 10.54 -6.59 -0.66
N THR A 115 9.40 -7.24 -0.85
CA THR A 115 9.09 -7.90 -2.10
C THR A 115 8.53 -6.95 -3.14
N THR A 116 8.58 -5.64 -2.87
CA THR A 116 8.25 -4.66 -3.92
C THR A 116 9.50 -4.33 -4.72
N LYS A 117 10.63 -4.94 -4.37
CA LYS A 117 11.89 -4.70 -5.07
C LYS A 117 12.53 -6.02 -5.44
N VAL A 118 13.48 -5.95 -6.38
CA VAL A 118 14.25 -7.11 -6.78
C VAL A 118 15.70 -6.70 -6.91
N GLN A 119 16.61 -7.64 -6.70
CA GLN A 119 18.03 -7.39 -6.83
C GLN A 119 18.62 -8.22 -7.95
N PHE A 120 19.38 -7.56 -8.82
CA PHE A 120 20.06 -8.22 -9.92
C PHE A 120 21.56 -8.12 -9.65
N ASN A 121 22.30 -9.12 -10.05
CA ASN A 121 23.75 -9.13 -9.84
C ASN A 121 24.36 -10.19 -10.73
N TYR A 122 25.69 -10.20 -10.77
CA TYR A 122 26.45 -11.22 -11.47
C TYR A 122 27.88 -11.25 -10.97
N TYR A 123 28.54 -12.39 -11.15
CA TYR A 123 29.93 -12.58 -10.78
C TYR A 123 30.68 -13.17 -11.96
N THR A 124 31.92 -12.74 -12.12
CA THR A 124 32.80 -13.24 -13.17
C THR A 124 34.11 -13.54 -12.49
N ASN A 125 34.55 -14.79 -12.56
CA ASN A 125 35.77 -15.19 -11.87
C ASN A 125 35.74 -14.78 -10.42
N GLY A 126 34.58 -14.89 -9.78
CA GLY A 126 34.46 -14.55 -8.38
C GLY A 126 34.45 -13.06 -8.07
N VAL A 127 34.35 -12.24 -9.11
CA VAL A 127 34.30 -10.79 -8.92
C VAL A 127 32.88 -10.34 -9.21
N GLY A 128 32.23 -9.81 -8.18
CA GLY A 128 30.86 -9.36 -8.28
C GLY A 128 30.79 -7.84 -8.10
N GLY A 129 29.98 -7.39 -7.14
CA GLY A 129 29.85 -5.95 -6.93
C GLY A 129 28.97 -5.21 -7.93
N HIS A 130 28.19 -5.95 -8.72
CA HIS A 130 27.31 -5.38 -9.75
C HIS A 130 25.87 -5.32 -9.30
N GLU A 131 25.68 -5.31 -7.99
CA GLU A 131 24.33 -5.29 -7.44
C GLU A 131 23.55 -4.10 -7.96
N LYS A 132 22.29 -4.36 -8.26
CA LYS A 132 21.35 -3.33 -8.62
C LYS A 132 19.98 -3.66 -8.04
N VAL A 133 19.42 -2.73 -7.28
CA VAL A 133 18.07 -2.91 -6.73
C VAL A 133 17.10 -2.10 -7.56
N ILE A 134 16.06 -2.78 -8.00
CA ILE A 134 15.03 -2.23 -8.87
C ILE A 134 13.64 -2.24 -8.18
N SER A 135 12.91 -1.14 -8.30
CA SER A 135 11.54 -1.08 -7.78
C SER A 135 10.64 -1.71 -8.84
N LEU A 136 9.84 -2.67 -8.41
CA LEU A 136 9.01 -3.40 -9.34
C LEU A 136 7.73 -2.69 -9.81
N GLY A 137 7.15 -1.87 -8.94
CA GLY A 137 5.84 -1.28 -9.19
C GLY A 137 4.72 -2.18 -8.74
N PHE A 138 5.05 -3.19 -7.93
CA PHE A 138 4.07 -4.15 -7.40
C PHE A 138 4.78 -4.98 -6.35
N ASP A 139 4.01 -5.74 -5.59
CA ASP A 139 4.56 -6.65 -4.59
C ASP A 139 4.64 -8.04 -5.25
N ALA A 140 5.85 -8.51 -5.53
CA ALA A 140 6.05 -9.79 -6.23
C ALA A 140 5.44 -11.02 -5.55
N SER A 141 5.36 -10.95 -4.22
CA SER A 141 4.82 -12.06 -3.43
C SER A 141 3.34 -12.24 -3.57
N LYS A 142 2.68 -11.32 -4.27
CA LYS A 142 1.25 -11.37 -4.39
C LYS A 142 0.71 -11.96 -5.69
N GLY A 143 1.60 -12.38 -6.58
CA GLY A 143 1.18 -12.99 -7.82
C GLY A 143 2.36 -13.47 -8.62
N PHE A 144 2.10 -14.09 -9.76
CA PHE A 144 3.17 -14.55 -10.63
C PHE A 144 3.40 -13.52 -11.70
N HIS A 145 4.66 -13.11 -11.86
CA HIS A 145 5.02 -12.22 -12.95
C HIS A 145 6.22 -12.85 -13.61
N THR A 146 6.57 -12.36 -14.80
CA THR A 146 7.67 -12.94 -15.57
C THR A 146 8.94 -12.14 -15.47
N TYR A 147 9.98 -12.79 -15.00
CA TYR A 147 11.28 -12.14 -14.88
C TYR A 147 12.25 -12.80 -15.84
N ALA A 148 13.24 -12.05 -16.29
CA ALA A 148 14.18 -12.58 -17.25
C ALA A 148 15.52 -11.85 -17.27
N PHE A 149 16.51 -12.56 -17.77
CA PHE A 149 17.76 -11.96 -18.14
C PHE A 149 18.24 -12.59 -19.44
N ASP A 150 18.69 -11.69 -20.32
CA ASP A 150 19.28 -12.05 -21.60
C ASP A 150 20.78 -11.91 -21.39
N TRP A 151 21.48 -13.05 -21.40
CA TRP A 151 22.89 -13.13 -21.14
C TRP A 151 23.62 -13.26 -22.45
N GLN A 152 24.43 -12.26 -22.75
CA GLN A 152 25.19 -12.21 -24.02
C GLN A 152 26.65 -11.80 -23.75
N PRO A 153 27.55 -12.10 -24.66
CA PRO A 153 28.96 -11.75 -24.47
C PRO A 153 29.28 -10.35 -23.93
N GLY A 154 28.60 -9.33 -24.46
CA GLY A 154 28.86 -7.98 -24.06
C GLY A 154 27.81 -7.34 -23.19
N TYR A 155 26.77 -8.09 -22.80
CA TYR A 155 25.78 -7.51 -21.90
C TYR A 155 24.88 -8.51 -21.24
N ILE A 156 24.28 -8.08 -20.14
CA ILE A 156 23.15 -8.78 -19.58
C ILE A 156 22.06 -7.73 -19.48
N LYS A 157 20.87 -8.11 -19.93
CA LYS A 157 19.70 -7.26 -19.83
C LYS A 157 18.65 -7.99 -19.03
N TRP A 158 18.11 -7.30 -18.04
CA TRP A 158 17.10 -7.86 -17.16
C TRP A 158 15.73 -7.24 -17.43
N TYR A 159 14.71 -8.08 -17.44
CA TYR A 159 13.36 -7.67 -17.75
C TYR A 159 12.35 -8.09 -16.68
N VAL A 160 11.28 -7.29 -16.58
CA VAL A 160 10.16 -7.60 -15.72
C VAL A 160 8.91 -7.45 -16.61
N ASP A 161 8.23 -8.56 -16.87
CA ASP A 161 7.06 -8.63 -17.75
C ASP A 161 7.45 -8.06 -19.13
N GLY A 162 8.66 -8.36 -19.56
CA GLY A 162 9.15 -7.91 -20.86
C GLY A 162 9.70 -6.49 -20.93
N VAL A 163 9.60 -5.75 -19.83
CA VAL A 163 10.10 -4.37 -19.78
C VAL A 163 11.56 -4.34 -19.35
N LEU A 164 12.40 -3.69 -20.13
CA LEU A 164 13.82 -3.60 -19.79
C LEU A 164 14.00 -2.74 -18.57
N LYS A 165 14.59 -3.31 -17.52
CA LYS A 165 14.76 -2.59 -16.27
C LYS A 165 16.20 -2.20 -15.98
N HIS A 166 17.15 -2.94 -16.50
CA HIS A 166 18.55 -2.70 -16.18
C HIS A 166 19.44 -3.40 -17.19
N THR A 167 20.55 -2.76 -17.50
CA THR A 167 21.52 -3.32 -18.40
C THR A 167 22.90 -3.21 -17.81
N ALA A 168 23.65 -4.30 -17.92
CA ALA A 168 25.04 -4.35 -17.50
C ALA A 168 25.88 -4.65 -18.73
N THR A 169 27.05 -4.02 -18.82
CA THR A 169 27.98 -4.33 -19.92
C THR A 169 29.36 -4.71 -19.44
N ALA A 170 29.64 -4.43 -18.17
CA ALA A 170 30.99 -4.63 -17.67
C ALA A 170 31.31 -6.06 -17.26
N ASN A 171 32.37 -6.61 -17.83
CA ASN A 171 32.92 -7.90 -17.39
C ASN A 171 31.86 -8.98 -17.24
N ILE A 172 31.19 -9.26 -18.35
CA ILE A 172 30.10 -10.22 -18.37
C ILE A 172 30.66 -11.63 -18.31
N PRO A 173 30.06 -12.48 -17.49
CA PRO A 173 30.51 -13.88 -17.36
C PRO A 173 30.43 -14.66 -18.64
N SER A 174 31.22 -15.74 -18.70
CA SER A 174 31.26 -16.55 -19.92
C SER A 174 31.19 -18.06 -19.68
N THR A 175 31.37 -18.48 -18.44
CA THR A 175 31.38 -19.91 -18.11
C THR A 175 29.96 -20.44 -17.91
N PRO A 176 29.54 -21.40 -18.71
CA PRO A 176 28.21 -21.96 -18.64
C PRO A 176 27.91 -22.55 -17.25
N GLY A 177 26.67 -22.41 -16.80
CA GLY A 177 26.31 -22.88 -15.48
C GLY A 177 24.95 -23.51 -15.38
N LYS A 178 24.66 -24.02 -14.19
CA LYS A 178 23.37 -24.61 -13.94
C LYS A 178 22.34 -23.53 -13.63
N ILE A 179 21.13 -23.78 -14.07
CA ILE A 179 20.00 -22.94 -13.69
C ILE A 179 19.56 -23.42 -12.31
N MET A 180 19.40 -22.49 -11.38
CA MET A 180 19.03 -22.86 -10.03
C MET A 180 17.95 -21.95 -9.48
N MET A 181 17.17 -22.50 -8.55
CA MET A 181 16.19 -21.72 -7.85
C MET A 181 16.31 -22.11 -6.39
N ASN A 182 16.35 -21.14 -5.49
CA ASN A 182 16.39 -21.52 -4.08
C ASN A 182 15.64 -20.55 -3.18
N LEU A 183 15.33 -20.99 -1.97
CA LEU A 183 14.67 -20.21 -0.95
C LEU A 183 15.41 -20.51 0.34
N TRP A 184 15.86 -19.49 1.06
CA TRP A 184 16.71 -19.70 2.24
C TRP A 184 16.70 -18.50 3.16
N ASN A 185 17.00 -18.76 4.43
CA ASN A 185 17.13 -17.74 5.45
C ASN A 185 18.60 -17.47 5.71
N GLY A 186 18.91 -16.20 5.86
CA GLY A 186 20.25 -15.75 6.11
C GLY A 186 20.58 -15.55 7.57
N THR A 187 21.89 -15.63 7.82
CA THR A 187 22.47 -15.26 9.10
C THR A 187 23.72 -14.44 8.86
N GLY A 188 23.98 -13.50 9.75
CA GLY A 188 25.16 -12.67 9.63
C GLY A 188 25.05 -11.58 8.59
N VAL A 189 23.86 -11.38 8.04
CA VAL A 189 23.66 -10.36 7.03
C VAL A 189 22.39 -9.56 7.30
N ASP A 190 22.17 -9.21 8.55
CA ASP A 190 20.97 -8.50 8.92
C ASP A 190 20.79 -7.18 8.20
N ASP A 191 21.87 -6.47 7.91
CA ASP A 191 21.76 -5.19 7.22
C ASP A 191 21.20 -5.37 5.80
N TRP A 192 21.57 -6.46 5.15
CA TRP A 192 21.13 -6.72 3.81
C TRP A 192 19.73 -7.35 3.72
N LEU A 193 19.48 -8.38 4.53
CA LEU A 193 18.23 -9.14 4.41
C LEU A 193 17.20 -8.88 5.49
N GLY A 194 17.61 -8.16 6.53
CA GLY A 194 16.81 -8.06 7.72
C GLY A 194 17.12 -9.31 8.53
N SER A 195 16.88 -9.30 9.84
CA SER A 195 17.10 -10.53 10.58
C SER A 195 15.92 -11.47 10.30
N TYR A 196 16.20 -12.77 10.31
CA TYR A 196 15.16 -13.76 10.10
C TYR A 196 14.52 -14.06 11.46
N ASN A 197 13.21 -14.09 11.46
CA ASN A 197 12.45 -14.29 12.69
C ASN A 197 11.81 -15.66 12.86
N GLY A 198 12.31 -16.64 12.11
CA GLY A 198 11.82 -17.99 12.26
C GLY A 198 10.42 -18.32 11.82
N ALA A 199 9.74 -17.41 11.10
CA ALA A 199 8.43 -17.67 10.57
C ALA A 199 8.47 -18.87 9.65
N ASN A 200 7.56 -19.81 9.84
CA ASN A 200 7.52 -21.05 9.06
C ASN A 200 6.15 -21.69 9.07
N PRO A 201 5.77 -22.36 8.00
CA PRO A 201 6.54 -22.47 6.75
C PRO A 201 6.35 -21.25 5.81
N LEU A 202 7.31 -21.06 4.88
CA LEU A 202 7.28 -20.01 3.87
C LEU A 202 7.57 -20.70 2.57
N TYR A 203 7.05 -20.17 1.48
CA TYR A 203 7.19 -20.81 0.18
C TYR A 203 7.45 -19.83 -0.95
N ALA A 204 8.28 -20.26 -1.89
CA ALA A 204 8.49 -19.55 -3.13
C ALA A 204 7.94 -20.46 -4.22
N GLU A 205 7.15 -19.93 -5.13
CA GLU A 205 6.55 -20.74 -6.17
C GLU A 205 6.98 -20.30 -7.55
N TYR A 206 7.13 -21.28 -8.44
CA TYR A 206 7.58 -21.05 -9.80
C TYR A 206 6.66 -21.80 -10.75
N ASP A 207 6.07 -21.09 -11.70
CA ASP A 207 5.17 -21.72 -12.67
C ASP A 207 5.86 -22.37 -13.87
N TRP A 208 6.89 -21.72 -14.40
CA TRP A 208 7.65 -22.29 -15.47
C TRP A 208 8.99 -21.57 -15.59
N VAL A 209 9.92 -22.22 -16.25
CA VAL A 209 11.20 -21.65 -16.62
C VAL A 209 11.43 -21.96 -18.10
N LYS A 210 11.98 -21.00 -18.81
CA LYS A 210 12.25 -21.15 -20.24
C LYS A 210 13.63 -20.62 -20.55
N TYR A 211 14.38 -21.36 -21.36
CA TYR A 211 15.69 -20.93 -21.81
C TYR A 211 15.73 -20.98 -23.32
N THR A 212 16.25 -19.93 -23.93
CA THR A 212 16.39 -19.86 -25.40
C THR A 212 17.84 -19.57 -25.74
N SER A 213 18.53 -20.51 -26.37
CA SER A 213 19.95 -20.35 -26.68
C SER A 213 20.21 -19.42 -27.86
N ASN A 214 21.45 -18.99 -28.03
CA ASN A 214 21.81 -18.19 -29.21
C ASN A 214 21.76 -19.00 -30.51
N GLN B 1 -12.57 0.35 47.12
CA GLN B 1 -13.18 1.19 46.07
C GLN B 1 -12.35 1.03 44.80
N THR B 2 -12.92 1.46 43.68
CA THR B 2 -12.20 1.62 42.42
C THR B 2 -11.16 2.72 42.44
N GLY B 3 -10.18 2.58 41.56
CA GLY B 3 -9.08 3.52 41.45
C GLY B 3 -9.52 4.81 40.83
N GLY B 4 -8.75 5.86 41.10
CA GLY B 4 -9.04 7.18 40.60
C GLY B 4 -8.38 7.43 39.26
N SER B 5 -8.65 8.60 38.70
CA SER B 5 -8.06 8.99 37.44
C SER B 5 -6.55 8.95 37.54
N PHE B 6 -5.91 8.53 36.47
CA PHE B 6 -4.46 8.50 36.43
C PHE B 6 -3.96 8.57 35.01
N PHE B 7 -2.68 8.88 34.89
CA PHE B 7 -2.00 8.92 33.61
C PHE B 7 -0.70 8.16 33.75
N GLU B 8 -0.47 7.22 32.85
CA GLU B 8 0.69 6.34 32.89
C GLU B 8 1.49 6.50 31.61
N PRO B 9 2.67 7.08 31.69
CA PRO B 9 3.51 7.31 30.51
C PRO B 9 4.45 6.17 30.16
N PHE B 10 4.50 5.13 30.98
CA PHE B 10 5.32 3.95 30.74
C PHE B 10 6.83 4.28 30.63
N ASN B 11 7.31 5.13 31.52
CA ASN B 11 8.75 5.36 31.59
C ASN B 11 9.45 4.20 32.28
N SER B 12 8.77 3.54 33.20
CA SER B 12 9.33 2.43 33.96
C SER B 12 8.25 1.63 34.65
N TYR B 13 8.64 0.49 35.18
CA TYR B 13 7.74 -0.38 35.92
C TYR B 13 7.30 0.27 37.23
N ASN B 14 6.00 0.43 37.43
CA ASN B 14 5.48 0.97 38.68
C ASN B 14 4.68 -0.10 39.35
N SER B 15 5.32 -0.80 40.26
CA SER B 15 4.71 -1.91 40.93
C SER B 15 3.62 -1.44 41.86
N GLY B 16 3.48 -0.14 42.05
CA GLY B 16 2.42 0.35 42.90
C GLY B 16 1.09 0.31 42.18
N THR B 17 1.14 0.43 40.86
CA THR B 17 -0.09 0.54 40.09
C THR B 17 -0.27 -0.59 39.07
N TRP B 18 0.82 -1.30 38.79
CA TRP B 18 0.76 -2.39 37.81
C TRP B 18 1.46 -3.65 38.30
N GLU B 19 1.14 -4.78 37.67
CA GLU B 19 1.81 -6.04 37.97
C GLU B 19 2.04 -6.78 36.64
N LYS B 20 3.08 -7.60 36.60
CA LYS B 20 3.41 -8.40 35.42
C LYS B 20 2.95 -9.81 35.59
N ALA B 21 2.15 -10.31 34.66
CA ALA B 21 1.80 -11.72 34.75
C ALA B 21 3.07 -12.56 34.57
N ASP B 22 3.23 -13.59 35.40
CA ASP B 22 4.45 -14.38 35.36
C ASP B 22 4.29 -15.82 35.84
N GLY B 23 4.82 -16.74 35.05
CA GLY B 23 4.89 -18.14 35.42
C GLY B 23 3.71 -19.03 35.21
N TYR B 24 2.71 -18.59 34.44
CA TYR B 24 1.61 -19.44 34.10
C TYR B 24 1.11 -19.04 32.73
N SER B 25 0.31 -19.91 32.15
CA SER B 25 -0.38 -19.67 30.90
C SER B 25 -1.88 -19.57 31.18
N ASN B 26 -2.56 -18.72 30.42
CA ASN B 26 -4.02 -18.70 30.50
C ASN B 26 -4.62 -20.03 30.06
N GLY B 27 -3.86 -20.82 29.30
CA GLY B 27 -4.38 -22.01 28.70
C GLY B 27 -5.46 -21.77 27.68
N GLY B 28 -6.14 -22.86 27.28
CA GLY B 28 -7.17 -22.73 26.28
C GLY B 28 -6.57 -22.24 24.96
N VAL B 29 -7.11 -21.15 24.44
CA VAL B 29 -6.61 -20.59 23.19
C VAL B 29 -5.26 -19.89 23.33
N PHE B 30 -4.84 -19.62 24.57
CA PHE B 30 -3.57 -18.94 24.79
C PHE B 30 -2.41 -19.93 24.77
N ASN B 31 -1.69 -19.97 23.67
CA ASN B 31 -0.61 -20.96 23.54
C ASN B 31 0.76 -20.40 23.89
N CYS B 32 0.89 -19.81 25.08
CA CYS B 32 2.13 -19.22 25.51
C CYS B 32 2.04 -19.00 27.02
N THR B 33 3.20 -18.91 27.64
CA THR B 33 3.31 -18.66 29.07
C THR B 33 3.66 -17.20 29.32
N TRP B 34 2.90 -16.54 30.19
CA TRP B 34 3.22 -15.16 30.55
C TRP B 34 4.54 -15.14 31.30
N ARG B 35 5.40 -14.17 30.94
CA ARG B 35 6.68 -13.94 31.63
C ARG B 35 6.89 -12.49 31.95
N ALA B 36 7.24 -12.20 33.21
CA ALA B 36 7.61 -10.87 33.63
C ALA B 36 8.76 -10.35 32.75
N ASN B 37 9.62 -11.26 32.33
CA ASN B 37 10.78 -10.93 31.51
C ASN B 37 10.40 -10.40 30.14
N ASN B 38 9.15 -10.63 29.75
CA ASN B 38 8.66 -10.15 28.47
C ASN B 38 7.92 -8.82 28.54
N VAL B 39 7.87 -8.26 29.74
CA VAL B 39 7.26 -6.94 29.94
C VAL B 39 8.38 -5.98 30.20
N ASN B 40 8.72 -5.15 29.20
CA ASN B 40 9.86 -4.26 29.32
C ASN B 40 9.53 -2.84 28.98
N PHE B 41 10.48 -1.94 29.25
CA PHE B 41 10.31 -0.52 29.02
C PHE B 41 11.51 0.04 28.26
N THR B 42 11.22 0.66 27.13
CA THR B 42 12.26 1.22 26.26
C THR B 42 12.86 2.49 26.84
N ASN B 43 13.99 2.91 26.30
CA ASN B 43 14.63 4.13 26.77
C ASN B 43 13.78 5.35 26.43
N ASP B 44 12.81 5.19 25.53
CA ASP B 44 11.99 6.32 25.06
C ASP B 44 10.56 6.32 25.59
N GLY B 45 10.36 5.83 26.81
CA GLY B 45 9.05 5.77 27.42
C GLY B 45 7.97 4.93 26.75
N LYS B 46 8.31 3.73 26.27
CA LYS B 46 7.27 2.84 25.73
C LYS B 46 7.26 1.52 26.52
N LEU B 47 6.05 1.06 26.86
CA LEU B 47 5.87 -0.30 27.36
C LEU B 47 6.01 -1.21 26.14
N LYS B 48 6.86 -2.20 26.24
CA LYS B 48 7.13 -3.09 25.12
C LYS B 48 6.91 -4.52 25.55
N LEU B 49 5.82 -5.07 25.05
CA LEU B 49 5.40 -6.42 25.36
C LEU B 49 5.97 -7.32 24.30
N GLY B 50 6.61 -8.41 24.72
CA GLY B 50 7.21 -9.34 23.77
C GLY B 50 6.62 -10.72 23.75
N LEU B 51 6.59 -11.29 22.54
CA LEU B 51 6.20 -12.65 22.27
C LEU B 51 7.50 -13.28 21.73
N THR B 52 8.07 -14.17 22.52
CA THR B 52 9.39 -14.77 22.24
C THR B 52 9.30 -16.30 22.34
N SER B 53 10.39 -16.96 21.95
CA SER B 53 10.38 -18.40 22.00
C SER B 53 11.59 -18.92 22.74
N SER B 54 11.32 -19.76 23.71
CA SER B 54 12.30 -20.28 24.64
C SER B 54 12.84 -21.66 24.23
N ALA B 55 12.14 -22.30 23.32
CA ALA B 55 12.43 -23.67 22.89
C ALA B 55 11.51 -23.97 21.73
N TYR B 56 11.71 -25.11 21.09
CA TYR B 56 10.94 -25.42 19.89
C TYR B 56 9.44 -25.37 20.14
N ASN B 57 8.74 -24.48 19.42
CA ASN B 57 7.31 -24.33 19.51
C ASN B 57 6.78 -24.09 20.93
N LYS B 58 7.64 -23.49 21.74
CA LYS B 58 7.27 -23.05 23.08
C LYS B 58 7.45 -21.53 23.12
N PHE B 59 6.40 -20.86 23.53
CA PHE B 59 6.34 -19.42 23.45
C PHE B 59 6.07 -18.74 24.76
N ASP B 60 6.74 -17.62 24.93
CA ASP B 60 6.60 -16.78 26.11
C ASP B 60 5.90 -15.51 25.70
N CYS B 61 4.91 -15.11 26.47
CA CYS B 61 4.15 -13.91 26.13
C CYS B 61 4.04 -12.95 27.31
N ALA B 62 3.26 -11.89 27.15
CA ALA B 62 3.30 -10.81 28.11
C ALA B 62 1.95 -10.16 28.40
N GLU B 63 1.69 -9.91 29.69
CA GLU B 63 0.46 -9.26 30.13
C GLU B 63 0.79 -8.33 31.30
N TYR B 64 0.39 -7.09 31.19
CA TYR B 64 0.62 -6.07 32.20
C TYR B 64 -0.79 -5.70 32.68
N ARG B 65 -1.00 -5.79 33.99
CA ARG B 65 -2.32 -5.60 34.58
C ARG B 65 -2.32 -4.60 35.75
N SER B 66 -3.35 -3.78 35.83
CA SER B 66 -3.40 -2.84 36.96
C SER B 66 -3.62 -3.59 38.28
N THR B 67 -3.07 -3.05 39.35
CA THR B 67 -3.32 -3.66 40.65
C THR B 67 -4.69 -3.29 41.20
N ASN B 68 -5.18 -2.11 40.90
CA ASN B 68 -6.51 -1.71 41.32
C ASN B 68 -7.53 -2.04 40.25
N ILE B 69 -8.79 -1.89 40.61
CA ILE B 69 -9.88 -2.11 39.66
C ILE B 69 -10.48 -0.75 39.36
N TYR B 70 -11.13 -0.68 38.21
CA TYR B 70 -11.59 0.58 37.66
C TYR B 70 -13.01 0.47 37.14
N GLY B 71 -13.76 1.56 37.29
CA GLY B 71 -15.16 1.55 36.90
C GLY B 71 -15.50 2.47 35.76
N TYR B 72 -16.71 3.00 35.77
CA TYR B 72 -17.15 3.88 34.70
C TYR B 72 -16.15 5.03 34.49
N GLY B 73 -15.97 5.40 33.22
CA GLY B 73 -15.09 6.49 32.85
C GLY B 73 -14.46 6.34 31.46
N LEU B 74 -13.56 7.26 31.14
CA LEU B 74 -12.92 7.29 29.82
C LEU B 74 -11.57 6.59 29.91
N TYR B 75 -11.39 5.58 29.06
CA TYR B 75 -10.14 4.83 29.01
C TYR B 75 -9.47 5.11 27.68
N GLU B 76 -8.22 5.55 27.73
CA GLU B 76 -7.47 5.91 26.57
C GLU B 76 -6.11 5.21 26.56
N VAL B 77 -5.68 4.80 25.37
CA VAL B 77 -4.38 4.19 25.20
C VAL B 77 -3.78 4.60 23.86
N SER B 78 -2.50 4.95 23.88
CA SER B 78 -1.73 5.19 22.66
C SER B 78 -0.83 3.95 22.48
N MET B 79 -1.02 3.23 21.38
CA MET B 79 -0.33 1.98 21.15
C MET B 79 -0.10 1.66 19.68
N LYS B 80 0.72 0.65 19.49
CA LYS B 80 1.15 0.15 18.20
C LYS B 80 1.20 -1.36 18.31
N PRO B 81 0.17 -2.05 17.83
CA PRO B 81 0.11 -3.51 17.96
C PRO B 81 1.08 -4.21 17.06
N ALA B 82 1.35 -5.48 17.38
CA ALA B 82 2.20 -6.32 16.53
C ALA B 82 1.46 -6.80 15.30
N LYS B 83 2.22 -7.00 14.23
CA LYS B 83 1.67 -7.52 13.00
C LYS B 83 2.22 -8.94 12.77
N ASN B 84 1.33 -9.90 12.65
CA ASN B 84 1.67 -11.29 12.36
C ASN B 84 0.43 -12.15 12.38
N THR B 85 0.38 -13.13 11.50
CA THR B 85 -0.68 -14.08 11.59
C THR B 85 -0.68 -14.81 12.93
N GLY B 86 -1.87 -15.07 13.45
CA GLY B 86 -2.04 -15.92 14.60
C GLY B 86 -1.91 -15.31 15.98
N ILE B 87 -1.79 -13.99 16.07
CA ILE B 87 -1.58 -13.30 17.34
C ILE B 87 -2.61 -12.21 17.59
N VAL B 88 -2.62 -11.74 18.84
CA VAL B 88 -3.46 -10.61 19.26
C VAL B 88 -2.62 -9.68 20.16
N SER B 89 -2.84 -8.36 20.00
CA SER B 89 -2.33 -7.31 20.87
C SER B 89 -3.56 -6.61 21.37
N SER B 90 -3.58 -6.25 22.65
CA SER B 90 -4.80 -5.76 23.24
C SER B 90 -4.66 -4.65 24.29
N PHE B 91 -5.82 -4.09 24.60
CA PHE B 91 -6.03 -3.14 25.71
C PHE B 91 -7.46 -3.37 26.12
N PHE B 92 -7.67 -3.69 27.40
CA PHE B 92 -9.00 -4.07 27.85
C PHE B 92 -9.17 -3.97 29.36
N THR B 93 -10.42 -3.95 29.78
CA THR B 93 -10.75 -4.12 31.19
C THR B 93 -11.19 -5.55 31.41
N TYR B 94 -10.89 -6.12 32.57
CA TYR B 94 -11.27 -7.50 32.82
C TYR B 94 -11.42 -7.84 34.27
N THR B 95 -12.49 -8.57 34.55
CA THR B 95 -12.67 -9.25 35.82
C THR B 95 -13.48 -10.49 35.52
N GLY B 96 -13.35 -11.49 36.38
CA GLY B 96 -14.06 -12.72 36.17
C GLY B 96 -13.83 -13.72 37.31
N PRO B 97 -14.24 -14.97 37.12
CA PRO B 97 -14.19 -15.99 38.17
C PRO B 97 -12.88 -16.07 38.91
N ALA B 98 -11.75 -15.97 38.22
CA ALA B 98 -10.46 -16.05 38.89
C ALA B 98 -10.24 -14.88 39.83
N HIS B 99 -11.02 -13.83 39.65
CA HIS B 99 -10.95 -12.63 40.47
C HIS B 99 -12.06 -12.69 41.53
N GLY B 100 -12.85 -13.74 41.48
CA GLY B 100 -13.97 -13.88 42.41
C GLY B 100 -15.24 -13.19 42.00
N THR B 101 -15.36 -12.85 40.72
CA THR B 101 -16.57 -12.20 40.23
C THR B 101 -17.08 -12.82 38.93
N GLN B 102 -18.22 -12.32 38.48
CA GLN B 102 -18.75 -12.65 37.18
C GLN B 102 -17.81 -12.06 36.11
N TRP B 103 -17.93 -12.53 34.87
CA TRP B 103 -17.07 -12.07 33.77
C TRP B 103 -17.63 -10.84 33.08
N ASP B 104 -17.05 -9.67 33.42
CA ASP B 104 -17.36 -8.38 32.78
C ASP B 104 -16.06 -7.87 32.17
N GLN B 105 -16.12 -7.40 30.93
CA GLN B 105 -14.92 -6.99 30.21
C GLN B 105 -15.28 -6.05 29.08
N ILE B 106 -14.41 -5.12 28.79
CA ILE B 106 -14.54 -4.29 27.61
C ILE B 106 -13.19 -4.37 26.90
N ASP B 107 -13.19 -4.73 25.62
CA ASP B 107 -11.91 -4.99 25.01
C ASP B 107 -11.68 -4.42 23.62
N ILE B 108 -10.45 -4.00 23.42
CA ILE B 108 -9.92 -3.62 22.13
C ILE B 108 -8.85 -4.65 21.76
N GLN B 109 -9.07 -5.36 20.64
CA GLN B 109 -8.10 -6.33 20.19
C GLN B 109 -7.69 -6.03 18.76
N PHE B 110 -6.38 -6.10 18.52
CA PHE B 110 -5.81 -5.99 17.18
C PHE B 110 -5.37 -7.37 16.76
N LEU B 111 -6.07 -7.95 15.80
CA LEU B 111 -5.71 -9.27 15.30
C LEU B 111 -4.54 -9.10 14.38
N GLY B 112 -3.42 -9.74 14.71
CA GLY B 112 -2.21 -9.56 13.94
C GLY B 112 -2.32 -9.91 12.48
N LYS B 113 -3.30 -10.74 12.17
CA LYS B 113 -3.52 -11.18 10.79
C LYS B 113 -3.96 -10.02 9.89
N ASP B 114 -4.51 -8.97 10.48
CA ASP B 114 -4.88 -7.82 9.68
C ASP B 114 -4.95 -6.62 10.54
N THR B 115 -3.81 -5.95 10.63
CA THR B 115 -3.70 -4.76 11.48
C THR B 115 -4.29 -3.48 10.91
N THR B 116 -5.00 -3.55 9.78
CA THR B 116 -5.78 -2.40 9.29
C THR B 116 -7.16 -2.35 9.90
N LYS B 117 -7.48 -3.33 10.74
CA LYS B 117 -8.77 -3.36 11.41
C LYS B 117 -8.56 -3.54 12.90
N VAL B 118 -9.58 -3.17 13.67
CA VAL B 118 -9.59 -3.38 15.12
C VAL B 118 -10.91 -4.04 15.51
N GLN B 119 -10.90 -4.89 16.53
CA GLN B 119 -12.11 -5.54 16.99
C GLN B 119 -12.47 -5.02 18.37
N PHE B 120 -13.70 -4.57 18.53
CA PHE B 120 -14.24 -4.12 19.80
C PHE B 120 -15.21 -5.18 20.30
N ASN B 121 -15.32 -5.36 21.61
CA ASN B 121 -16.27 -6.30 22.14
C ASN B 121 -16.47 -5.98 23.64
N TYR B 122 -17.42 -6.66 24.25
CA TYR B 122 -17.58 -6.57 25.71
C TYR B 122 -18.36 -7.78 26.14
N TYR B 123 -18.19 -8.14 27.41
CA TYR B 123 -18.95 -9.21 28.05
C TYR B 123 -19.56 -8.71 29.32
N THR B 124 -20.78 -9.18 29.59
CA THR B 124 -21.46 -8.90 30.83
C THR B 124 -21.99 -10.22 31.40
N ASN B 125 -21.56 -10.55 32.61
CA ASN B 125 -21.93 -11.82 33.21
C ASN B 125 -21.67 -12.99 32.26
N GLY B 126 -20.53 -12.93 31.59
CA GLY B 126 -20.06 -13.97 30.71
C GLY B 126 -20.74 -13.98 29.36
N VAL B 127 -21.59 -13.01 29.10
CA VAL B 127 -22.25 -12.99 27.81
C VAL B 127 -21.57 -11.96 26.93
N GLY B 128 -20.97 -12.44 25.85
CA GLY B 128 -20.34 -11.60 24.86
C GLY B 128 -21.21 -11.49 23.61
N GLY B 129 -20.61 -11.81 22.48
CA GLY B 129 -21.31 -11.72 21.21
C GLY B 129 -21.54 -10.29 20.74
N HIS B 130 -20.67 -9.36 21.14
CA HIS B 130 -20.84 -7.99 20.76
C HIS B 130 -19.74 -7.56 19.81
N GLU B 131 -19.05 -8.53 19.21
CA GLU B 131 -17.93 -8.23 18.36
C GLU B 131 -18.29 -7.26 17.22
N LYS B 132 -17.43 -6.25 17.06
CA LYS B 132 -17.55 -5.28 15.99
C LYS B 132 -16.16 -5.04 15.42
N VAL B 133 -16.02 -5.29 14.11
CA VAL B 133 -14.76 -5.10 13.44
C VAL B 133 -14.81 -3.79 12.69
N ILE B 134 -13.87 -2.92 12.99
CA ILE B 134 -13.80 -1.60 12.41
C ILE B 134 -12.58 -1.43 11.53
N SER B 135 -12.79 -0.93 10.33
CA SER B 135 -11.69 -0.56 9.46
C SER B 135 -11.08 0.75 9.92
N LEU B 136 -9.77 0.75 10.17
CA LEU B 136 -9.15 1.91 10.75
C LEU B 136 -8.82 3.05 9.80
N GLY B 137 -8.55 2.75 8.55
CA GLY B 137 -8.07 3.76 7.63
C GLY B 137 -6.56 3.90 7.68
N PHE B 138 -5.91 2.92 8.30
CA PHE B 138 -4.45 2.83 8.39
C PHE B 138 -4.07 1.46 8.96
N ASP B 139 -2.78 1.18 8.92
CA ASP B 139 -2.25 -0.06 9.48
C ASP B 139 -1.73 0.28 10.87
N ALA B 140 -2.45 -0.17 11.89
CA ALA B 140 -2.11 0.10 13.30
C ALA B 140 -0.70 -0.29 13.71
N SER B 141 -0.14 -1.30 13.04
CA SER B 141 1.16 -1.78 13.41
C SER B 141 2.29 -0.85 12.96
N LYS B 142 1.96 0.17 12.16
CA LYS B 142 3.00 1.04 11.62
C LYS B 142 3.23 2.33 12.39
N GLY B 143 2.48 2.56 13.45
CA GLY B 143 2.71 3.75 14.25
C GLY B 143 1.81 3.73 15.47
N PHE B 144 1.99 4.72 16.34
CA PHE B 144 1.13 4.87 17.50
C PHE B 144 -0.08 5.73 17.16
N HIS B 145 -1.27 5.26 17.53
CA HIS B 145 -2.50 6.05 17.45
C HIS B 145 -3.21 5.90 18.77
N THR B 146 -4.21 6.75 18.99
CA THR B 146 -4.93 6.77 20.24
C THR B 146 -6.28 6.10 20.15
N TYR B 147 -6.46 5.10 20.98
CA TYR B 147 -7.69 4.36 21.06
C TYR B 147 -8.33 4.60 22.42
N ALA B 148 -9.65 4.59 22.45
CA ALA B 148 -10.36 4.85 23.70
C ALA B 148 -11.72 4.22 23.76
N PHE B 149 -12.21 3.99 24.97
CA PHE B 149 -13.61 3.68 25.18
C PHE B 149 -14.09 4.44 26.40
N ASP B 150 -15.32 4.93 26.29
CA ASP B 150 -16.00 5.63 27.36
C ASP B 150 -17.06 4.66 27.83
N TRP B 151 -16.90 4.21 29.06
CA TRP B 151 -17.72 3.20 29.67
C TRP B 151 -18.57 3.90 30.69
N GLN B 152 -19.88 3.91 30.43
CA GLN B 152 -20.87 4.55 31.28
C GLN B 152 -21.97 3.54 31.51
N PRO B 153 -22.82 3.76 32.51
CA PRO B 153 -23.88 2.79 32.82
C PRO B 153 -24.78 2.38 31.66
N GLY B 154 -25.04 3.29 30.75
CA GLY B 154 -25.95 3.01 29.64
C GLY B 154 -25.29 2.85 28.28
N TYR B 155 -23.96 2.98 28.21
CA TYR B 155 -23.30 2.83 26.93
C TYR B 155 -21.80 2.58 27.02
N ILE B 156 -21.25 2.11 25.90
CA ILE B 156 -19.82 2.11 25.67
C ILE B 156 -19.64 2.76 24.31
N LYS B 157 -18.75 3.74 24.26
CA LYS B 157 -18.44 4.40 23.02
C LYS B 157 -16.94 4.23 22.74
N TRP B 158 -16.58 3.79 21.52
CA TRP B 158 -15.19 3.56 21.19
C TRP B 158 -14.70 4.57 20.17
N TYR B 159 -13.45 5.02 20.33
CA TYR B 159 -12.88 6.07 19.52
C TYR B 159 -11.51 5.73 19.02
N VAL B 160 -11.18 6.30 17.86
CA VAL B 160 -9.86 6.17 17.28
C VAL B 160 -9.41 7.59 16.95
N ASP B 161 -8.33 8.04 17.58
CA ASP B 161 -7.81 9.40 17.42
C ASP B 161 -8.96 10.43 17.65
N GLY B 162 -9.82 10.10 18.61
CA GLY B 162 -10.89 11.00 19.00
C GLY B 162 -12.13 10.90 18.16
N VAL B 163 -12.09 10.12 17.10
CA VAL B 163 -13.23 9.92 16.25
C VAL B 163 -14.08 8.76 16.76
N LEU B 164 -15.37 9.03 16.96
CA LEU B 164 -16.30 8.00 17.38
C LEU B 164 -16.49 6.97 16.29
N LYS B 165 -16.22 5.71 16.61
CA LYS B 165 -16.30 4.63 15.62
C LYS B 165 -17.40 3.62 15.87
N HIS B 166 -17.85 3.50 17.12
CA HIS B 166 -18.87 2.50 17.44
C HIS B 166 -19.46 2.79 18.82
N THR B 167 -20.75 2.51 18.93
CA THR B 167 -21.49 2.67 20.18
C THR B 167 -22.30 1.43 20.46
N ALA B 168 -22.28 1.00 21.72
CA ALA B 168 -23.10 -0.10 22.20
C ALA B 168 -23.95 0.42 23.34
N THR B 169 -25.19 -0.05 23.42
CA THR B 169 -26.09 0.29 24.52
C THR B 169 -26.72 -0.88 25.27
N ALA B 170 -26.62 -2.09 24.75
CA ALA B 170 -27.22 -3.26 25.36
C ALA B 170 -26.36 -3.98 26.41
N ASN B 171 -26.97 -4.23 27.56
CA ASN B 171 -26.39 -5.05 28.59
C ASN B 171 -24.97 -4.64 28.89
N ILE B 172 -24.79 -3.37 29.20
CA ILE B 172 -23.45 -2.80 29.46
C ILE B 172 -22.89 -3.31 30.78
N PRO B 173 -21.61 -3.68 30.81
CA PRO B 173 -21.01 -4.23 32.03
C PRO B 173 -21.11 -3.27 33.21
N SER B 174 -21.08 -3.81 34.43
CA SER B 174 -21.21 -2.98 35.61
C SER B 174 -20.17 -3.30 36.68
N THR B 175 -19.43 -4.39 36.50
CA THR B 175 -18.43 -4.75 37.48
C THR B 175 -17.07 -4.14 37.17
N PRO B 176 -16.52 -3.36 38.09
CA PRO B 176 -15.20 -2.76 37.89
C PRO B 176 -14.17 -3.85 37.62
N GLY B 177 -13.21 -3.58 36.76
CA GLY B 177 -12.18 -4.57 36.46
C GLY B 177 -10.81 -3.95 36.37
N LYS B 178 -9.82 -4.82 36.20
CA LYS B 178 -8.48 -4.36 36.02
C LYS B 178 -8.23 -3.91 34.60
N ILE B 179 -7.37 -2.92 34.44
CA ILE B 179 -6.93 -2.54 33.12
C ILE B 179 -5.78 -3.47 32.74
N MET B 180 -5.87 -4.04 31.55
CA MET B 180 -4.85 -4.98 31.08
C MET B 180 -4.45 -4.72 29.64
N MET B 181 -3.21 -5.08 29.35
CA MET B 181 -2.66 -5.06 27.99
C MET B 181 -1.93 -6.38 27.82
N ASN B 182 -2.15 -7.09 26.72
CA ASN B 182 -1.38 -8.30 26.51
C ASN B 182 -1.08 -8.53 25.03
N LEU B 183 -0.18 -9.47 24.80
CA LEU B 183 0.26 -9.89 23.47
C LEU B 183 0.41 -11.40 23.56
N TRP B 184 -0.21 -12.15 22.65
CA TRP B 184 -0.21 -13.60 22.73
C TRP B 184 -0.51 -14.24 21.38
N ASN B 185 -0.10 -15.49 21.25
CA ASN B 185 -0.40 -16.31 20.10
C ASN B 185 -1.47 -17.33 20.41
N GLY B 186 -2.41 -17.51 19.50
CA GLY B 186 -3.51 -18.43 19.70
C GLY B 186 -3.31 -19.82 19.12
N THR B 187 -4.08 -20.76 19.68
CA THR B 187 -4.16 -22.11 19.14
C THR B 187 -5.63 -22.52 19.16
N GLY B 188 -6.06 -23.25 18.15
CA GLY B 188 -7.44 -23.70 18.06
C GLY B 188 -8.44 -22.70 17.52
N VAL B 189 -7.94 -21.55 17.08
CA VAL B 189 -8.79 -20.49 16.57
C VAL B 189 -8.26 -19.96 15.27
N ASP B 190 -7.77 -20.87 14.43
CA ASP B 190 -7.21 -20.44 13.17
C ASP B 190 -8.18 -19.63 12.30
N ASP B 191 -9.46 -19.95 12.31
CA ASP B 191 -10.40 -19.19 11.47
C ASP B 191 -10.47 -17.75 11.92
N TRP B 192 -10.33 -17.50 13.21
CA TRP B 192 -10.42 -16.15 13.73
C TRP B 192 -9.09 -15.36 13.62
N LEU B 193 -8.01 -15.97 14.06
CA LEU B 193 -6.73 -15.28 14.12
C LEU B 193 -5.76 -15.61 13.03
N GLY B 194 -6.06 -16.66 12.28
CA GLY B 194 -5.08 -17.18 11.35
C GLY B 194 -4.19 -18.13 12.14
N SER B 195 -3.50 -19.04 11.48
CA SER B 195 -2.65 -19.89 12.29
C SER B 195 -1.34 -19.15 12.59
N TYR B 196 -0.80 -19.38 13.77
CA TYR B 196 0.45 -18.79 14.14
C TYR B 196 1.61 -19.56 13.50
N ASN B 197 2.55 -18.83 12.91
CA ASN B 197 3.69 -19.44 12.26
C ASN B 197 5.03 -19.33 12.98
N GLY B 198 5.01 -19.18 14.30
CA GLY B 198 6.20 -19.20 15.10
C GLY B 198 7.11 -17.99 15.02
N ALA B 199 6.73 -16.94 14.28
CA ALA B 199 7.57 -15.78 14.14
C ALA B 199 7.92 -15.16 15.47
N ASN B 200 9.19 -14.88 15.70
CA ASN B 200 9.64 -14.33 16.96
C ASN B 200 10.97 -13.66 16.85
N PRO B 201 11.23 -12.63 17.64
CA PRO B 201 10.30 -12.04 18.61
C PRO B 201 9.35 -11.05 17.93
N LEU B 202 8.16 -10.85 18.51
CA LEU B 202 7.19 -9.89 18.06
C LEU B 202 6.89 -8.99 19.25
N TYR B 203 6.51 -7.75 18.97
CA TYR B 203 6.28 -6.78 20.05
C TYR B 203 5.05 -5.91 19.83
N ALA B 204 4.38 -5.62 20.93
CA ALA B 204 3.29 -4.67 20.97
C ALA B 204 3.81 -3.57 21.92
N GLU B 205 3.68 -2.32 21.49
CA GLU B 205 4.17 -1.16 22.23
C GLU B 205 3.06 -0.21 22.61
N TYR B 206 3.22 0.41 23.77
CA TYR B 206 2.21 1.28 24.35
C TYR B 206 2.93 2.51 24.86
N ASP B 207 2.54 3.70 24.36
CA ASP B 207 3.18 4.97 24.72
C ASP B 207 2.66 5.47 26.06
N TRP B 208 1.35 5.39 26.28
CA TRP B 208 0.74 5.84 27.52
C TRP B 208 -0.68 5.28 27.64
N VAL B 209 -1.20 5.29 28.87
CA VAL B 209 -2.58 4.93 29.12
C VAL B 209 -3.16 6.01 30.01
N LYS B 210 -4.44 6.32 29.83
CA LYS B 210 -5.09 7.33 30.67
C LYS B 210 -6.48 6.89 31.04
N TYR B 211 -6.80 7.01 32.33
CA TYR B 211 -8.13 6.73 32.81
C TYR B 211 -8.68 8.00 33.47
N THR B 212 -9.90 8.37 33.08
CA THR B 212 -10.55 9.56 33.66
C THR B 212 -11.89 9.17 34.26
N SER B 213 -12.00 9.23 35.58
CA SER B 213 -13.22 8.86 36.27
C SER B 213 -14.26 9.92 36.04
N ASN B 214 -15.49 9.57 36.37
CA ASN B 214 -16.59 10.53 36.38
C ASN B 214 -16.39 11.44 37.58
N GLN C 1 -11.37 -10.69 -46.08
CA GLN C 1 -10.98 -11.80 -45.18
C GLN C 1 -10.31 -11.25 -43.91
N THR C 2 -10.45 -12.00 -42.82
CA THR C 2 -9.70 -11.74 -41.60
C THR C 2 -8.18 -11.66 -41.74
N GLY C 3 -7.58 -10.83 -40.89
CA GLY C 3 -6.14 -10.66 -40.87
C GLY C 3 -5.41 -11.84 -40.27
N GLY C 4 -4.13 -11.97 -40.60
CA GLY C 4 -3.32 -13.02 -40.03
C GLY C 4 -2.56 -12.61 -38.80
N SER C 5 -1.82 -13.56 -38.24
CA SER C 5 -1.00 -13.30 -37.10
C SER C 5 -0.11 -12.07 -37.30
N PHE C 6 0.10 -11.32 -36.23
CA PHE C 6 0.92 -10.13 -36.33
C PHE C 6 1.41 -9.71 -34.98
N PHE C 7 2.47 -8.90 -35.00
CA PHE C 7 3.03 -8.32 -33.81
C PHE C 7 3.18 -6.84 -34.10
N GLU C 8 2.65 -6.02 -33.21
CA GLU C 8 2.67 -4.57 -33.37
C GLU C 8 3.34 -3.95 -32.17
N PRO C 9 4.54 -3.41 -32.37
CA PRO C 9 5.29 -2.76 -31.29
C PRO C 9 4.99 -1.27 -31.05
N PHE C 10 4.13 -0.65 -31.85
CA PHE C 10 3.77 0.77 -31.63
C PHE C 10 4.94 1.72 -31.68
N ASN C 11 5.80 1.57 -32.67
CA ASN C 11 6.89 2.53 -32.85
C ASN C 11 6.38 3.80 -33.47
N SER C 12 5.34 3.68 -34.27
CA SER C 12 4.74 4.81 -34.92
C SER C 12 3.39 4.42 -35.49
N TYR C 13 2.66 5.45 -35.89
CA TYR C 13 1.39 5.33 -36.53
C TYR C 13 1.55 4.62 -37.88
N ASN C 14 0.70 3.65 -38.15
CA ASN C 14 0.65 3.01 -39.44
C ASN C 14 -0.78 3.09 -39.92
N SER C 15 -1.04 3.99 -40.87
CA SER C 15 -2.40 4.21 -41.30
C SER C 15 -2.87 3.11 -42.24
N GLY C 16 -1.98 2.21 -42.57
CA GLY C 16 -2.33 1.05 -43.36
C GLY C 16 -3.05 0.02 -42.50
N THR C 17 -2.50 -0.21 -41.31
CA THR C 17 -3.00 -1.27 -40.43
C THR C 17 -3.81 -0.78 -39.25
N TRP C 18 -3.78 0.52 -38.99
CA TRP C 18 -4.54 1.08 -37.87
C TRP C 18 -5.21 2.39 -38.25
N GLU C 19 -6.18 2.80 -37.44
CA GLU C 19 -6.86 4.07 -37.68
C GLU C 19 -7.15 4.76 -36.33
N LYS C 20 -7.05 6.08 -36.33
CA LYS C 20 -7.34 6.87 -35.14
C LYS C 20 -8.75 7.40 -35.28
N ALA C 21 -9.59 7.13 -34.28
CA ALA C 21 -10.93 7.68 -34.29
C ALA C 21 -10.77 9.18 -34.20
N ASP C 22 -11.59 9.90 -34.96
CA ASP C 22 -11.43 11.34 -34.95
C ASP C 22 -12.67 12.13 -35.35
N GLY C 23 -12.96 13.17 -34.55
CA GLY C 23 -13.96 14.13 -34.92
C GLY C 23 -15.39 13.84 -34.54
N TYR C 24 -15.62 12.77 -33.77
CA TYR C 24 -16.94 12.45 -33.29
C TYR C 24 -16.84 11.83 -31.88
N SER C 25 -17.98 11.76 -31.20
CA SER C 25 -18.11 11.09 -29.93
C SER C 25 -18.97 9.84 -30.09
N ASN C 26 -18.68 8.80 -29.32
CA ASN C 26 -19.53 7.62 -29.29
C ASN C 26 -20.90 7.95 -28.71
N GLY C 27 -20.95 9.07 -28.03
CA GLY C 27 -22.13 9.47 -27.29
C GLY C 27 -22.50 8.49 -26.18
N GLY C 28 -23.73 8.59 -25.72
CA GLY C 28 -24.19 7.71 -24.67
C GLY C 28 -23.34 7.91 -23.44
N VAL C 29 -22.73 6.83 -22.96
CA VAL C 29 -21.91 6.96 -21.76
C VAL C 29 -20.58 7.62 -22.01
N PHE C 30 -20.19 7.76 -23.28
CA PHE C 30 -18.88 8.32 -23.62
C PHE C 30 -18.97 9.85 -23.63
N ASN C 31 -18.42 10.49 -22.61
CA ASN C 31 -18.52 11.94 -22.46
C ASN C 31 -17.30 12.71 -22.95
N CYS C 32 -16.87 12.38 -24.15
CA CYS C 32 -15.71 13.00 -24.76
C CYS C 32 -15.74 12.76 -26.25
N THR C 33 -14.95 13.53 -26.96
CA THR C 33 -14.85 13.40 -28.41
C THR C 33 -13.51 12.78 -28.80
N TRP C 34 -13.54 11.76 -29.64
CA TRP C 34 -12.30 11.17 -30.12
C TRP C 34 -11.51 12.17 -30.94
N ARG C 35 -10.22 12.24 -30.65
CA ARG C 35 -9.30 13.09 -31.40
C ARG C 35 -8.08 12.34 -31.86
N ALA C 36 -7.79 12.47 -33.14
CA ALA C 36 -6.60 11.85 -33.66
C ALA C 36 -5.37 12.41 -32.96
N ASN C 37 -5.44 13.69 -32.62
CA ASN C 37 -4.36 14.35 -31.90
C ASN C 37 -4.08 13.75 -30.54
N ASN C 38 -4.99 12.92 -30.05
CA ASN C 38 -4.81 12.31 -28.72
C ASN C 38 -4.27 10.88 -28.80
N VAL C 39 -3.93 10.45 -30.02
CA VAL C 39 -3.32 9.16 -30.21
C VAL C 39 -1.89 9.43 -30.63
N ASN C 40 -0.94 9.16 -29.73
CA ASN C 40 0.45 9.49 -29.97
C ASN C 40 1.40 8.35 -29.67
N PHE C 41 2.63 8.51 -30.13
CA PHE C 41 3.64 7.46 -30.01
C PHE C 41 4.89 8.02 -29.38
N THR C 42 5.33 7.42 -28.29
CA THR C 42 6.49 7.91 -27.58
C THR C 42 7.75 7.54 -28.30
N ASN C 43 8.84 8.20 -27.91
CA ASN C 43 10.13 7.92 -28.52
C ASN C 43 10.62 6.53 -28.17
N ASP C 44 10.16 5.98 -27.04
CA ASP C 44 10.52 4.60 -26.66
C ASP C 44 9.52 3.53 -27.18
N GLY C 45 8.63 3.90 -28.09
CA GLY C 45 7.75 2.93 -28.74
C GLY C 45 6.53 2.46 -27.97
N LYS C 46 5.86 3.40 -27.29
CA LYS C 46 4.62 3.10 -26.61
C LYS C 46 3.51 3.90 -27.28
N LEU C 47 2.37 3.25 -27.45
CA LEU C 47 1.17 3.93 -27.86
C LEU C 47 0.69 4.67 -26.63
N LYS C 48 0.47 5.96 -26.76
CA LYS C 48 0.05 6.81 -25.64
C LYS C 48 -1.27 7.47 -25.96
N LEU C 49 -2.34 6.95 -25.37
CA LEU C 49 -3.65 7.49 -25.55
C LEU C 49 -3.92 8.53 -24.50
N GLY C 50 -4.42 9.70 -24.92
CA GLY C 50 -4.65 10.77 -23.98
C GLY C 50 -6.07 11.22 -23.81
N LEU C 51 -6.40 11.57 -22.57
CA LEU C 51 -7.68 12.17 -22.24
C LEU C 51 -7.32 13.59 -21.82
N THR C 52 -7.76 14.57 -22.58
CA THR C 52 -7.35 15.96 -22.38
C THR C 52 -8.53 16.89 -22.47
N SER C 53 -8.26 18.16 -22.19
CA SER C 53 -9.28 19.18 -22.25
C SER C 53 -8.70 20.51 -22.68
N SER C 54 -9.39 21.18 -23.58
CA SER C 54 -8.92 22.52 -23.95
C SER C 54 -10.04 23.59 -23.80
N ALA C 55 -11.13 23.20 -23.16
CA ALA C 55 -12.24 24.08 -22.81
C ALA C 55 -12.96 23.55 -21.57
N TYR C 56 -13.65 24.44 -20.85
CA TYR C 56 -14.35 24.03 -19.64
C TYR C 56 -15.35 22.90 -19.85
N ASN C 57 -15.18 21.83 -19.07
CA ASN C 57 -16.03 20.66 -19.11
C ASN C 57 -16.17 20.08 -20.49
N LYS C 58 -15.13 20.21 -21.30
CA LYS C 58 -15.12 19.63 -22.65
C LYS C 58 -13.94 18.73 -22.75
N PHE C 59 -14.17 17.45 -23.02
CA PHE C 59 -13.06 16.50 -23.02
C PHE C 59 -12.85 15.80 -24.36
N ASP C 60 -11.57 15.60 -24.64
CA ASP C 60 -11.09 14.92 -25.83
C ASP C 60 -10.43 13.63 -25.43
N CYS C 61 -10.76 12.56 -26.16
CA CYS C 61 -10.27 11.24 -25.79
C CYS C 61 -9.70 10.49 -27.01
N ALA C 62 -9.40 9.21 -26.86
CA ALA C 62 -8.59 8.52 -27.85
C ALA C 62 -8.94 7.06 -28.07
N GLU C 63 -8.99 6.66 -29.34
CA GLU C 63 -9.26 5.28 -29.69
C GLU C 63 -8.43 4.95 -30.93
N TYR C 64 -7.76 3.82 -30.86
CA TYR C 64 -6.92 3.30 -31.95
C TYR C 64 -7.51 1.98 -32.35
N ARG C 65 -7.75 1.81 -33.65
CA ARG C 65 -8.49 0.65 -34.17
C ARG C 65 -7.78 -0.03 -35.32
N SER C 66 -7.74 -1.36 -35.33
CA SER C 66 -7.17 -2.06 -36.50
C SER C 66 -8.01 -1.83 -37.75
N THR C 67 -7.36 -1.84 -38.94
CA THR C 67 -8.10 -1.73 -40.19
C THR C 67 -8.56 -3.14 -40.61
N ASN C 68 -7.81 -4.13 -40.18
CA ASN C 68 -8.19 -5.50 -40.43
C ASN C 68 -9.17 -5.99 -39.38
N ILE C 69 -9.88 -7.06 -39.71
CA ILE C 69 -10.73 -7.73 -38.74
C ILE C 69 -10.08 -9.07 -38.40
N TYR C 70 -10.36 -9.54 -37.19
CA TYR C 70 -9.70 -10.72 -36.66
C TYR C 70 -10.66 -11.71 -36.01
N GLY C 71 -10.38 -13.00 -36.17
CA GLY C 71 -11.23 -14.04 -35.59
C GLY C 71 -10.60 -14.82 -34.45
N TYR C 72 -10.84 -16.12 -34.45
CA TYR C 72 -10.35 -16.96 -33.37
C TYR C 72 -8.83 -16.89 -33.24
N GLY C 73 -8.36 -17.03 -32.00
CA GLY C 73 -6.94 -17.01 -31.71
C GLY C 73 -6.63 -16.30 -30.41
N LEU C 74 -5.34 -16.11 -30.18
CA LEU C 74 -4.81 -15.55 -28.93
C LEU C 74 -4.48 -14.07 -29.14
N TYR C 75 -5.09 -13.22 -28.30
CA TYR C 75 -4.92 -11.78 -28.36
C TYR C 75 -4.16 -11.37 -27.11
N GLU C 76 -3.05 -10.68 -27.31
CA GLU C 76 -2.18 -10.32 -26.19
C GLU C 76 -1.79 -8.85 -26.23
N VAL C 77 -1.70 -8.25 -25.06
CA VAL C 77 -1.32 -6.84 -24.99
C VAL C 77 -0.54 -6.54 -23.73
N SER C 78 0.51 -5.72 -23.86
CA SER C 78 1.23 -5.23 -22.72
C SER C 78 0.88 -3.76 -22.58
N MET C 79 0.31 -3.41 -21.44
CA MET C 79 -0.23 -2.08 -21.25
C MET C 79 -0.25 -1.64 -19.81
N LYS C 80 -0.48 -0.33 -19.66
CA LYS C 80 -0.52 0.34 -18.38
C LYS C 80 -1.66 1.35 -18.45
N PRO C 81 -2.81 1.00 -17.87
CA PRO C 81 -3.99 1.89 -17.91
C PRO C 81 -3.85 3.09 -17.01
N ALA C 82 -4.68 4.07 -17.29
CA ALA C 82 -4.77 5.28 -16.51
C ALA C 82 -5.50 5.04 -15.19
N LYS C 83 -5.10 5.78 -14.17
CA LYS C 83 -5.75 5.74 -12.88
C LYS C 83 -6.46 7.06 -12.64
N ASN C 84 -7.77 6.98 -12.45
CA ASN C 84 -8.57 8.14 -12.12
C ASN C 84 -10.02 7.72 -12.01
N THR C 85 -10.75 8.34 -11.10
CA THR C 85 -12.16 8.07 -11.00
C THR C 85 -12.85 8.47 -12.31
N GLY C 86 -13.87 7.70 -12.70
CA GLY C 86 -14.71 8.09 -13.81
C GLY C 86 -14.24 7.78 -15.22
N ILE C 87 -13.18 7.01 -15.36
CA ILE C 87 -12.61 6.70 -16.69
C ILE C 87 -12.44 5.22 -16.93
N VAL C 88 -12.18 4.87 -18.19
CA VAL C 88 -11.88 3.50 -18.56
C VAL C 88 -10.74 3.48 -19.55
N SER C 89 -9.83 2.54 -19.38
CA SER C 89 -8.78 2.24 -20.39
C SER C 89 -9.04 0.82 -20.85
N SER C 90 -8.91 0.53 -22.15
CA SER C 90 -9.29 -0.79 -22.62
C SER C 90 -8.43 -1.40 -23.70
N PHE C 91 -8.70 -2.68 -23.95
CA PHE C 91 -8.18 -3.45 -25.06
C PHE C 91 -9.33 -4.41 -25.41
N PHE C 92 -9.77 -4.44 -26.67
CA PHE C 92 -10.96 -5.25 -26.97
C PHE C 92 -11.09 -5.51 -28.45
N THR C 93 -11.88 -6.52 -28.81
CA THR C 93 -12.28 -6.74 -30.18
C THR C 93 -13.69 -6.21 -30.28
N TYR C 94 -14.06 -5.71 -31.45
CA TYR C 94 -15.39 -5.16 -31.62
C TYR C 94 -15.85 -5.18 -33.07
N THR C 95 -17.08 -5.61 -33.23
CA THR C 95 -17.82 -5.37 -34.45
C THR C 95 -19.30 -5.13 -34.04
N GLY C 96 -20.07 -4.44 -34.87
CA GLY C 96 -21.44 -4.12 -34.53
C GLY C 96 -22.14 -3.41 -35.68
N PRO C 97 -23.33 -2.87 -35.41
CA PRO C 97 -24.16 -2.23 -36.44
C PRO C 97 -23.46 -1.20 -37.28
N ALA C 98 -22.58 -0.40 -36.71
CA ALA C 98 -21.89 0.61 -37.52
C ALA C 98 -20.92 -0.05 -38.48
N HIS C 99 -20.62 -1.32 -38.23
CA HIS C 99 -19.73 -2.06 -39.11
C HIS C 99 -20.54 -2.93 -40.08
N GLY C 100 -21.86 -2.89 -39.97
CA GLY C 100 -22.74 -3.71 -40.79
C GLY C 100 -22.90 -5.14 -40.30
N THR C 101 -22.63 -5.40 -39.03
CA THR C 101 -22.76 -6.75 -38.50
C THR C 101 -23.46 -6.76 -37.17
N GLN C 102 -23.70 -7.95 -36.67
CA GLN C 102 -24.23 -8.09 -35.32
C GLN C 102 -23.10 -7.66 -34.35
N TRP C 103 -23.48 -7.44 -33.11
CA TRP C 103 -22.56 -6.95 -32.11
C TRP C 103 -21.87 -8.11 -31.39
N ASP C 104 -20.62 -8.35 -31.75
CA ASP C 104 -19.78 -9.34 -31.13
C ASP C 104 -18.55 -8.60 -30.65
N GLN C 105 -18.17 -8.86 -29.41
CA GLN C 105 -17.08 -8.15 -28.80
C GLN C 105 -16.54 -8.94 -27.64
N ILE C 106 -15.24 -8.80 -27.39
CA ILE C 106 -14.61 -9.40 -26.23
C ILE C 106 -13.74 -8.29 -25.64
N ASP C 107 -13.90 -8.02 -24.35
CA ASP C 107 -13.24 -6.85 -23.81
C ASP C 107 -12.53 -6.98 -22.48
N ILE C 108 -11.44 -6.22 -22.38
CA ILE C 108 -10.70 -6.01 -21.15
C ILE C 108 -10.78 -4.52 -20.84
N GLN C 109 -11.37 -4.21 -19.70
CA GLN C 109 -11.53 -2.83 -19.28
C GLN C 109 -10.93 -2.64 -17.89
N PHE C 110 -10.15 -1.59 -17.76
CA PHE C 110 -9.62 -1.18 -16.47
C PHE C 110 -10.37 0.06 -16.05
N LEU C 111 -11.17 -0.08 -15.01
CA LEU C 111 -11.92 1.04 -14.49
C LEU C 111 -10.95 1.88 -13.67
N GLY C 112 -10.76 3.14 -14.08
CA GLY C 112 -9.82 4.01 -13.41
C GLY C 112 -10.03 4.24 -11.93
N LYS C 113 -11.26 4.03 -11.45
CA LYS C 113 -11.59 4.20 -10.05
C LYS C 113 -10.89 3.17 -9.16
N ASP C 114 -10.44 2.05 -9.75
CA ASP C 114 -9.72 1.05 -8.98
C ASP C 114 -8.91 0.19 -9.91
N THR C 115 -7.67 0.62 -10.15
CA THR C 115 -6.81 -0.11 -11.06
C THR C 115 -6.14 -1.36 -10.46
N THR C 116 -6.62 -1.81 -9.30
CA THR C 116 -6.18 -3.11 -8.77
C THR C 116 -7.06 -4.23 -9.26
N LYS C 117 -8.06 -3.91 -10.05
CA LYS C 117 -8.95 -4.91 -10.62
C LYS C 117 -9.14 -4.67 -12.10
N VAL C 118 -9.55 -5.70 -12.81
CA VAL C 118 -9.83 -5.60 -14.22
C VAL C 118 -11.22 -6.20 -14.47
N GLN C 119 -11.92 -5.70 -15.48
CA GLN C 119 -13.20 -6.23 -15.86
C GLN C 119 -13.13 -6.94 -17.19
N PHE C 120 -13.60 -8.19 -17.23
CA PHE C 120 -13.68 -8.93 -18.48
C PHE C 120 -15.16 -9.02 -18.86
N ASN C 121 -15.43 -9.09 -20.15
CA ASN C 121 -16.81 -9.26 -20.62
C ASN C 121 -16.81 -9.63 -22.08
N TYR C 122 -17.99 -9.95 -22.60
CA TYR C 122 -18.12 -10.19 -24.03
C TYR C 122 -19.57 -10.09 -24.39
N TYR C 123 -19.80 -9.79 -25.67
CA TYR C 123 -21.14 -9.74 -26.23
C TYR C 123 -21.21 -10.59 -27.46
N THR C 124 -22.34 -11.24 -27.65
CA THR C 124 -22.57 -12.04 -28.85
C THR C 124 -23.98 -11.69 -29.33
N ASN C 125 -24.09 -11.25 -30.57
CA ASN C 125 -25.37 -10.77 -31.10
C ASN C 125 -26.02 -9.75 -30.18
N GLY C 126 -25.21 -8.82 -29.66
CA GLY C 126 -25.71 -7.75 -28.81
C GLY C 126 -26.14 -8.15 -27.40
N VAL C 127 -25.87 -9.38 -26.99
CA VAL C 127 -26.20 -9.81 -25.65
C VAL C 127 -24.90 -9.99 -24.88
N GLY C 128 -24.76 -9.21 -23.81
CA GLY C 128 -23.57 -9.27 -22.98
C GLY C 128 -23.96 -9.85 -21.65
N GLY C 129 -23.74 -9.08 -20.59
CA GLY C 129 -24.07 -9.48 -19.23
C GLY C 129 -23.17 -10.56 -18.69
N HIS C 130 -21.90 -10.54 -19.11
CA HIS C 130 -20.98 -11.58 -18.70
C HIS C 130 -19.87 -10.95 -17.90
N GLU C 131 -20.12 -9.78 -17.33
CA GLU C 131 -19.11 -9.03 -16.59
C GLU C 131 -18.49 -9.91 -15.51
N LYS C 132 -17.17 -9.89 -15.45
CA LYS C 132 -16.45 -10.59 -14.41
C LYS C 132 -15.32 -9.66 -13.97
N VAL C 133 -15.29 -9.37 -12.68
CA VAL C 133 -14.29 -8.49 -12.10
C VAL C 133 -13.27 -9.32 -11.35
N ILE C 134 -12.00 -9.11 -11.70
CA ILE C 134 -10.91 -9.89 -11.16
C ILE C 134 -9.91 -8.99 -10.45
N SER C 135 -9.48 -9.43 -9.27
CA SER C 135 -8.45 -8.72 -8.53
C SER C 135 -7.12 -9.14 -9.13
N LEU C 136 -6.29 -8.17 -9.46
CA LEU C 136 -5.06 -8.47 -10.16
C LEU C 136 -3.90 -8.93 -9.30
N GLY C 137 -3.88 -8.47 -8.07
CA GLY C 137 -2.78 -8.72 -7.16
C GLY C 137 -1.72 -7.61 -7.30
N PHE C 138 -2.09 -6.50 -7.96
CA PHE C 138 -1.22 -5.35 -8.20
C PHE C 138 -2.05 -4.20 -8.76
N ASP C 139 -1.44 -3.02 -8.84
CA ASP C 139 -2.10 -1.85 -9.38
C ASP C 139 -1.62 -1.74 -10.81
N ALA C 140 -2.51 -2.03 -11.76
CA ALA C 140 -2.16 -2.02 -13.16
C ALA C 140 -1.62 -0.68 -13.66
N SER C 141 -1.99 0.43 -13.03
CA SER C 141 -1.54 1.74 -13.51
C SER C 141 -0.08 2.03 -13.19
N LYS C 142 0.54 1.16 -12.41
CA LYS C 142 1.91 1.39 -11.93
C LYS C 142 2.99 0.73 -12.74
N GLY C 143 2.62 0.00 -13.78
CA GLY C 143 3.61 -0.63 -14.64
C GLY C 143 2.94 -1.34 -15.79
N PHE C 144 3.75 -1.89 -16.69
CA PHE C 144 3.19 -2.66 -17.79
C PHE C 144 3.11 -4.14 -17.42
N HIS C 145 1.97 -4.76 -17.66
CA HIS C 145 1.81 -6.21 -17.47
C HIS C 145 1.13 -6.71 -18.73
N THR C 146 1.12 -8.02 -18.92
CA THR C 146 0.62 -8.61 -20.13
C THR C 146 -0.74 -9.25 -19.91
N TYR C 147 -1.72 -8.79 -20.67
CA TYR C 147 -3.09 -9.29 -20.53
C TYR C 147 -3.44 -10.00 -21.81
N ALA C 148 -4.32 -10.98 -21.73
CA ALA C 148 -4.67 -11.72 -22.91
C ALA C 148 -6.00 -12.42 -22.82
N PHE C 149 -6.56 -12.67 -24.01
CA PHE C 149 -7.66 -13.62 -24.15
C PHE C 149 -7.45 -14.51 -25.37
N ASP C 150 -7.79 -15.77 -25.19
CA ASP C 150 -7.74 -16.77 -26.24
C ASP C 150 -9.20 -16.99 -26.59
N TRP C 151 -9.57 -16.62 -27.80
CA TRP C 151 -10.94 -16.74 -28.30
C TRP C 151 -11.01 -17.92 -29.25
N GLN C 152 -11.79 -18.93 -28.84
CA GLN C 152 -12.00 -20.16 -29.62
C GLN C 152 -13.51 -20.43 -29.74
N PRO C 153 -13.94 -21.30 -30.63
CA PRO C 153 -15.38 -21.52 -30.78
C PRO C 153 -16.06 -21.93 -29.50
N GLY C 154 -15.39 -22.71 -28.67
CA GLY C 154 -15.99 -23.21 -27.44
C GLY C 154 -15.69 -22.46 -26.17
N TYR C 155 -14.83 -21.46 -26.22
CA TYR C 155 -14.50 -20.74 -24.99
C TYR C 155 -13.76 -19.45 -25.25
N ILE C 156 -13.74 -18.60 -24.24
CA ILE C 156 -12.81 -17.46 -24.14
C ILE C 156 -12.09 -17.67 -22.82
N LYS C 157 -10.77 -17.58 -22.83
CA LYS C 157 -9.98 -17.69 -21.61
C LYS C 157 -9.15 -16.40 -21.47
N TRP C 158 -9.22 -15.74 -20.32
CA TRP C 158 -8.47 -14.51 -20.07
C TRP C 158 -7.28 -14.81 -19.16
N TYR C 159 -6.18 -14.11 -19.40
CA TYR C 159 -4.93 -14.35 -18.71
C TYR C 159 -4.28 -13.05 -18.27
N VAL C 160 -3.55 -13.11 -17.18
CA VAL C 160 -2.75 -11.97 -16.73
C VAL C 160 -1.37 -12.51 -16.46
N ASP C 161 -0.39 -11.96 -17.18
CA ASP C 161 0.98 -12.48 -17.13
C ASP C 161 0.99 -14.00 -17.32
N GLY C 162 0.18 -14.49 -18.25
CA GLY C 162 0.11 -15.90 -18.57
C GLY C 162 -0.66 -16.78 -17.61
N VAL C 163 -1.19 -16.21 -16.54
CA VAL C 163 -1.95 -16.95 -15.57
C VAL C 163 -3.41 -16.92 -15.95
N LEU C 164 -4.03 -18.09 -16.06
CA LEU C 164 -5.46 -18.14 -16.36
C LEU C 164 -6.27 -17.55 -15.22
N LYS C 165 -7.12 -16.56 -15.52
CA LYS C 165 -7.91 -15.90 -14.52
C LYS C 165 -9.42 -16.09 -14.64
N HIS C 166 -9.88 -16.43 -15.82
CA HIS C 166 -11.32 -16.55 -16.08
C HIS C 166 -11.59 -17.28 -17.36
N THR C 167 -12.67 -18.06 -17.37
CA THR C 167 -13.06 -18.84 -18.54
C THR C 167 -14.55 -18.67 -18.72
N ALA C 168 -14.95 -18.47 -19.96
CA ALA C 168 -16.36 -18.37 -20.36
C ALA C 168 -16.62 -19.41 -21.41
N THR C 169 -17.81 -20.04 -21.35
CA THR C 169 -18.17 -21.04 -22.33
C THR C 169 -19.53 -20.78 -23.00
N ALA C 170 -20.35 -19.91 -22.43
CA ALA C 170 -21.69 -19.75 -22.98
C ALA C 170 -21.75 -18.72 -24.10
N ASN C 171 -22.40 -19.08 -25.18
CA ASN C 171 -22.66 -18.14 -26.26
C ASN C 171 -21.43 -17.35 -26.67
N ILE C 172 -20.42 -18.07 -27.09
CA ILE C 172 -19.16 -17.46 -27.49
C ILE C 172 -19.31 -16.71 -28.80
N PRO C 173 -18.73 -15.52 -28.88
CA PRO C 173 -18.80 -14.71 -30.10
C PRO C 173 -18.26 -15.46 -31.31
N SER C 174 -18.80 -15.16 -32.48
CA SER C 174 -18.38 -15.83 -33.70
C SER C 174 -18.08 -14.90 -34.86
N THR C 175 -18.23 -13.59 -34.67
CA THR C 175 -18.04 -12.65 -35.76
C THR C 175 -16.72 -11.90 -35.64
N PRO C 176 -15.84 -12.02 -36.62
CA PRO C 176 -14.56 -11.30 -36.55
C PRO C 176 -14.75 -9.80 -36.36
N GLY C 177 -13.87 -9.20 -35.57
CA GLY C 177 -13.97 -7.77 -35.30
C GLY C 177 -12.63 -7.11 -35.35
N LYS C 178 -12.64 -5.78 -35.18
CA LYS C 178 -11.39 -5.05 -35.17
C LYS C 178 -10.85 -5.06 -33.76
N ILE C 179 -9.53 -4.98 -33.66
CA ILE C 179 -8.85 -4.85 -32.39
C ILE C 179 -8.80 -3.37 -32.07
N MET C 180 -9.20 -3.01 -30.85
CA MET C 180 -9.29 -1.61 -30.49
C MET C 180 -8.77 -1.37 -29.10
N MET C 181 -8.29 -0.15 -28.89
CA MET C 181 -7.87 0.29 -27.57
C MET C 181 -8.38 1.71 -27.40
N ASN C 182 -9.00 2.02 -26.27
CA ASN C 182 -9.47 3.40 -26.02
C ASN C 182 -9.35 3.83 -24.58
N LEU C 183 -9.44 5.15 -24.38
CA LEU C 183 -9.37 5.77 -23.08
C LEU C 183 -10.44 6.85 -23.10
N TRP C 184 -11.31 6.87 -22.10
CA TRP C 184 -12.44 7.79 -22.11
C TRP C 184 -13.05 8.00 -20.72
N ASN C 185 -13.74 9.12 -20.57
CA ASN C 185 -14.47 9.46 -19.34
C ASN C 185 -15.94 9.23 -19.57
N GLY C 186 -16.57 8.60 -18.59
CA GLY C 186 -17.97 8.29 -18.64
C GLY C 186 -18.87 9.36 -18.08
N THR C 187 -20.14 9.25 -18.40
CA THR C 187 -21.19 10.05 -17.80
C THR C 187 -22.43 9.15 -17.70
N GLY C 188 -23.24 9.39 -16.68
CA GLY C 188 -24.45 8.61 -16.47
C GLY C 188 -24.24 7.25 -15.83
N VAL C 189 -22.99 6.95 -15.44
CA VAL C 189 -22.65 5.65 -14.90
C VAL C 189 -21.82 5.79 -13.62
N ASP C 190 -22.21 6.72 -12.75
CA ASP C 190 -21.42 6.97 -11.55
C ASP C 190 -21.22 5.74 -10.65
N ASP C 191 -22.25 4.91 -10.47
CA ASP C 191 -22.07 3.76 -9.58
C ASP C 191 -21.06 2.76 -10.18
N TRP C 192 -20.93 2.75 -11.51
CA TRP C 192 -20.02 1.81 -12.17
C TRP C 192 -18.58 2.34 -12.21
N LEU C 193 -18.41 3.56 -12.71
CA LEU C 193 -17.08 4.12 -12.91
C LEU C 193 -16.63 5.16 -11.90
N GLY C 194 -17.55 5.60 -11.05
CA GLY C 194 -17.33 6.76 -10.24
C GLY C 194 -17.53 7.98 -11.12
N SER C 195 -17.71 9.13 -10.50
CA SER C 195 -17.85 10.38 -11.23
C SER C 195 -16.50 10.90 -11.68
N TYR C 196 -16.38 11.26 -12.96
CA TYR C 196 -15.17 11.88 -13.43
C TYR C 196 -15.02 13.30 -12.89
N ASN C 197 -13.79 13.66 -12.55
CA ASN C 197 -13.49 14.94 -11.90
C ASN C 197 -12.64 15.91 -12.72
N GLY C 198 -12.64 15.71 -14.03
CA GLY C 198 -11.96 16.61 -14.94
C GLY C 198 -10.44 16.58 -14.98
N ALA C 199 -9.82 15.60 -14.31
CA ALA C 199 -8.39 15.55 -14.22
C ALA C 199 -7.83 15.36 -15.61
N ASN C 200 -6.82 16.13 -15.94
CA ASN C 200 -6.24 16.08 -17.25
C ASN C 200 -4.86 16.71 -17.26
N PRO C 201 -3.99 16.25 -18.14
CA PRO C 201 -4.24 15.11 -19.03
C PRO C 201 -4.02 13.77 -18.32
N LEU C 202 -4.69 12.75 -18.84
CA LEU C 202 -4.52 11.37 -18.37
C LEU C 202 -4.12 10.52 -19.55
N TYR C 203 -3.36 9.47 -19.29
CA TYR C 203 -2.87 8.61 -20.33
C TYR C 203 -2.94 7.12 -20.04
N ALA C 204 -3.24 6.37 -21.10
CA ALA C 204 -3.16 4.92 -21.10
C ALA C 204 -2.07 4.57 -22.08
N GLU C 205 -1.16 3.69 -21.67
CA GLU C 205 -0.06 3.33 -22.55
C GLU C 205 -0.05 1.86 -22.89
N TYR C 206 0.41 1.58 -24.10
CA TYR C 206 0.43 0.24 -24.66
C TYR C 206 1.79 0.04 -25.34
N ASP C 207 2.54 -0.95 -24.87
CA ASP C 207 3.84 -1.23 -25.48
C ASP C 207 3.79 -2.07 -26.73
N TRP C 208 2.87 -3.03 -26.78
CA TRP C 208 2.70 -3.89 -27.95
C TRP C 208 1.41 -4.64 -27.89
N VAL C 209 1.00 -5.15 -29.04
CA VAL C 209 -0.16 -6.01 -29.20
C VAL C 209 0.25 -7.13 -30.13
N LYS C 210 -0.20 -8.34 -29.80
CA LYS C 210 0.10 -9.52 -30.59
C LYS C 210 -1.16 -10.36 -30.81
N TYR C 211 -1.32 -10.90 -32.01
CA TYR C 211 -2.46 -11.75 -32.30
C TYR C 211 -1.92 -12.98 -32.99
N THR C 212 -2.26 -14.14 -32.46
CA THR C 212 -1.84 -15.39 -33.04
C THR C 212 -3.03 -16.17 -33.51
N SER C 213 -3.18 -16.31 -34.83
CA SER C 213 -4.27 -17.06 -35.39
C SER C 213 -4.10 -18.53 -35.09
N ASN C 214 -5.17 -19.28 -35.29
CA ASN C 214 -5.06 -20.72 -35.22
C ASN C 214 -4.39 -21.18 -36.51
N GLN D 1 -1.78 40.80 25.45
CA GLN D 1 -0.77 40.81 24.36
C GLN D 1 -1.29 39.98 23.15
N THR D 2 -1.13 38.66 23.22
CA THR D 2 -1.73 37.77 22.25
C THR D 2 -2.99 37.02 22.73
N GLY D 3 -3.66 36.36 21.77
CA GLY D 3 -4.86 35.60 22.02
C GLY D 3 -4.69 34.54 23.08
N GLY D 4 -5.76 34.24 23.79
CA GLY D 4 -5.70 33.23 24.82
C GLY D 4 -5.97 31.82 24.32
N SER D 5 -5.76 30.86 25.20
CA SER D 5 -6.06 29.46 24.96
C SER D 5 -7.49 29.34 24.46
N PHE D 6 -7.70 28.48 23.46
CA PHE D 6 -9.05 28.32 22.94
C PHE D 6 -9.19 26.96 22.27
N PHE D 7 -10.43 26.55 22.09
CA PHE D 7 -10.77 25.33 21.38
C PHE D 7 -11.83 25.68 20.34
N GLU D 8 -11.57 25.27 19.10
CA GLU D 8 -12.47 25.55 18.00
C GLU D 8 -12.95 24.24 17.39
N PRO D 9 -14.24 23.93 17.49
CA PRO D 9 -14.78 22.69 16.93
C PRO D 9 -15.28 22.76 15.49
N PHE D 10 -15.27 23.93 14.85
CA PHE D 10 -15.73 24.09 13.47
C PHE D 10 -17.17 23.64 13.24
N ASN D 11 -18.05 24.06 14.13
CA ASN D 11 -19.46 23.80 13.90
C ASN D 11 -20.05 24.81 12.94
N SER D 12 -19.55 26.03 12.98
CA SER D 12 -20.04 27.09 12.12
C SER D 12 -18.99 28.19 12.02
N TYR D 13 -19.25 29.17 11.15
CA TYR D 13 -18.38 30.31 10.98
C TYR D 13 -18.49 31.30 12.14
N ASN D 14 -17.44 31.39 12.95
CA ASN D 14 -17.41 32.35 14.05
C ASN D 14 -16.59 33.50 13.55
N SER D 15 -17.26 34.52 13.04
CA SER D 15 -16.58 35.65 12.45
C SER D 15 -15.96 36.57 13.48
N GLY D 16 -16.18 36.29 14.74
CA GLY D 16 -15.50 37.00 15.78
C GLY D 16 -14.08 36.52 15.94
N THR D 17 -13.87 35.24 15.65
CA THR D 17 -12.62 34.59 15.94
C THR D 17 -11.88 34.21 14.67
N TRP D 18 -12.59 34.08 13.56
CA TRP D 18 -11.96 33.66 12.31
C TRP D 18 -12.43 34.54 11.18
N GLU D 19 -11.65 34.52 10.10
CA GLU D 19 -11.94 35.23 8.86
C GLU D 19 -11.72 34.31 7.68
N LYS D 20 -12.59 34.40 6.69
CA LYS D 20 -12.40 33.66 5.44
C LYS D 20 -11.70 34.54 4.43
N ALA D 21 -10.57 34.09 3.88
CA ALA D 21 -9.94 34.85 2.82
C ALA D 21 -10.90 34.87 1.62
N ASP D 22 -11.02 36.03 0.99
CA ASP D 22 -11.94 36.13 -0.13
C ASP D 22 -11.57 37.19 -1.14
N GLY D 23 -11.63 36.82 -2.42
CA GLY D 23 -11.51 37.76 -3.51
C GLY D 23 -10.14 38.14 -4.03
N TYR D 24 -9.10 37.45 -3.59
CA TYR D 24 -7.77 37.71 -4.06
C TYR D 24 -6.98 36.40 -4.07
N SER D 25 -5.90 36.40 -4.84
CA SER D 25 -4.96 35.32 -4.86
C SER D 25 -3.70 35.76 -4.14
N ASN D 26 -3.04 34.83 -3.47
CA ASN D 26 -1.71 35.08 -2.93
C ASN D 26 -0.70 35.36 -4.05
N GLY D 27 -1.01 34.94 -5.27
CA GLY D 27 -0.13 35.14 -6.40
C GLY D 27 1.05 34.19 -6.32
N GLY D 28 2.05 34.43 -7.15
CA GLY D 28 3.24 33.61 -7.11
C GLY D 28 2.94 32.15 -7.37
N VAL D 29 3.32 31.27 -6.43
CA VAL D 29 3.07 29.86 -6.63
C VAL D 29 1.62 29.45 -6.42
N PHE D 30 0.82 30.35 -5.87
CA PHE D 30 -0.58 30.05 -5.58
C PHE D 30 -1.43 30.29 -6.83
N ASN D 31 -1.78 29.23 -7.54
CA ASN D 31 -2.51 29.39 -8.80
C ASN D 31 -4.02 29.30 -8.65
N CYS D 32 -4.57 30.06 -7.71
CA CYS D 32 -6.00 30.03 -7.43
C CYS D 32 -6.35 31.27 -6.65
N THR D 33 -7.63 31.62 -6.64
CA THR D 33 -8.15 32.78 -5.91
C THR D 33 -8.91 32.31 -4.69
N TRP D 34 -8.58 32.85 -3.53
CA TRP D 34 -9.33 32.52 -2.32
C TRP D 34 -10.76 32.96 -2.48
N ARG D 35 -11.70 32.10 -2.08
CA ARG D 35 -13.10 32.46 -2.09
C ARG D 35 -13.69 32.04 -0.76
N ALA D 36 -14.42 32.94 -0.14
CA ALA D 36 -15.16 32.60 1.08
C ALA D 36 -16.16 31.48 0.84
N ASN D 37 -16.66 31.40 -0.39
CA ASN D 37 -17.59 30.37 -0.77
C ASN D 37 -17.03 28.96 -0.67
N ASN D 38 -15.71 28.86 -0.56
CA ASN D 38 -15.01 27.59 -0.55
C ASN D 38 -14.61 27.18 0.87
N VAL D 39 -15.04 27.98 1.85
CA VAL D 39 -14.82 27.66 3.27
C VAL D 39 -16.19 27.29 3.82
N ASN D 40 -16.40 26.00 4.08
CA ASN D 40 -17.71 25.52 4.50
C ASN D 40 -17.67 24.62 5.71
N PHE D 41 -18.83 24.36 6.31
CA PHE D 41 -18.95 23.55 7.53
C PHE D 41 -19.91 22.40 7.31
N THR D 42 -19.47 21.19 7.60
CA THR D 42 -20.35 20.03 7.48
C THR D 42 -21.36 19.98 8.62
N ASN D 43 -22.36 19.11 8.49
CA ASN D 43 -23.40 19.02 9.51
C ASN D 43 -22.84 18.38 10.76
N ASP D 44 -21.71 17.69 10.64
CA ASP D 44 -21.18 16.98 11.81
C ASP D 44 -20.00 17.72 12.42
N GLY D 45 -19.79 18.94 11.98
CA GLY D 45 -18.80 19.79 12.61
C GLY D 45 -17.37 19.72 12.13
N LYS D 46 -17.20 19.68 10.83
CA LYS D 46 -15.90 19.74 10.23
C LYS D 46 -15.81 20.97 9.32
N LEU D 47 -14.68 21.65 9.40
CA LEU D 47 -14.33 22.70 8.44
C LEU D 47 -13.95 21.98 7.17
N LYS D 48 -14.54 22.40 6.05
CA LYS D 48 -14.25 21.77 4.78
C LYS D 48 -13.77 22.85 3.83
N LEU D 49 -12.48 22.82 3.52
CA LEU D 49 -11.86 23.76 2.60
C LEU D 49 -11.89 23.17 1.21
N GLY D 50 -12.37 23.93 0.24
CA GLY D 50 -12.51 23.41 -1.11
C GLY D 50 -11.65 24.07 -2.17
N LEU D 51 -11.16 23.23 -3.06
CA LEU D 51 -10.45 23.65 -4.27
C LEU D 51 -11.39 23.29 -5.42
N THR D 52 -11.89 24.33 -6.10
CA THR D 52 -12.89 24.14 -7.13
C THR D 52 -12.59 24.94 -8.38
N SER D 53 -13.43 24.72 -9.39
CA SER D 53 -13.31 25.46 -10.64
C SER D 53 -14.67 25.58 -11.28
N SER D 54 -14.91 26.72 -11.86
CA SER D 54 -16.16 26.99 -12.47
C SER D 54 -15.92 27.50 -13.90
N ALA D 55 -14.66 27.61 -14.30
CA ALA D 55 -14.24 28.06 -15.64
C ALA D 55 -12.91 27.43 -16.06
N TYR D 56 -12.63 27.45 -17.37
CA TYR D 56 -11.50 26.73 -17.93
C TYR D 56 -10.18 27.05 -17.25
N ASN D 57 -9.53 26.04 -16.70
CA ASN D 57 -8.23 26.19 -16.05
C ASN D 57 -8.15 27.35 -15.05
N LYS D 58 -9.27 27.64 -14.41
CA LYS D 58 -9.37 28.74 -13.45
C LYS D 58 -9.86 28.14 -12.13
N PHE D 59 -9.04 28.35 -11.09
CA PHE D 59 -9.27 27.70 -9.80
C PHE D 59 -9.53 28.63 -8.63
N ASP D 60 -10.46 28.18 -7.80
CA ASP D 60 -10.85 28.84 -6.58
C ASP D 60 -10.42 27.97 -5.38
N CYS D 61 -9.84 28.62 -4.37
CA CYS D 61 -9.31 27.88 -3.25
C CYS D 61 -9.77 28.48 -1.93
N ALA D 62 -9.18 28.02 -0.84
CA ALA D 62 -9.74 28.32 0.48
C ALA D 62 -8.71 28.51 1.58
N GLU D 63 -8.91 29.57 2.37
CA GLU D 63 -8.04 29.86 3.50
C GLU D 63 -8.87 30.44 4.65
N TYR D 64 -8.68 29.87 5.84
CA TYR D 64 -9.41 30.28 7.05
C TYR D 64 -8.34 30.75 8.03
N ARG D 65 -8.53 31.95 8.57
CA ARG D 65 -7.51 32.62 9.35
C ARG D 65 -8.07 33.16 10.64
N SER D 66 -7.31 33.05 11.70
CA SER D 66 -7.76 33.60 12.99
C SER D 66 -7.75 35.11 12.93
N THR D 67 -8.62 35.74 13.71
CA THR D 67 -8.61 37.19 13.81
C THR D 67 -7.59 37.64 14.84
N ASN D 68 -7.34 36.83 15.86
CA ASN D 68 -6.31 37.12 16.86
C ASN D 68 -4.93 36.61 16.42
N ILE D 69 -3.88 37.09 17.09
CA ILE D 69 -2.52 36.60 16.86
C ILE D 69 -2.18 35.77 18.07
N TYR D 70 -1.27 34.83 17.88
CA TYR D 70 -0.93 33.93 18.95
C TYR D 70 0.56 33.74 19.07
N GLY D 71 1.01 33.51 20.30
CA GLY D 71 2.41 33.34 20.57
C GLY D 71 2.80 31.95 21.01
N TYR D 72 3.81 31.87 21.87
CA TYR D 72 4.29 30.58 22.33
C TYR D 72 3.17 29.73 22.93
N GLY D 73 3.28 28.43 22.76
CA GLY D 73 2.26 27.53 23.25
C GLY D 73 2.09 26.30 22.38
N LEU D 74 1.08 25.52 22.68
CA LEU D 74 0.86 24.26 21.99
C LEU D 74 -0.27 24.43 21.00
N TYR D 75 0.02 24.11 19.75
CA TYR D 75 -0.95 24.24 18.68
C TYR D 75 -1.29 22.83 18.20
N GLU D 76 -2.58 22.52 18.23
CA GLU D 76 -3.06 21.20 17.85
C GLU D 76 -4.19 21.29 16.84
N VAL D 77 -4.22 20.32 15.93
CA VAL D 77 -5.26 20.20 14.91
C VAL D 77 -5.54 18.74 14.55
N SER D 78 -6.81 18.41 14.49
CA SER D 78 -7.25 17.14 13.93
C SER D 78 -7.76 17.40 12.52
N MET D 79 -7.12 16.79 11.53
CA MET D 79 -7.43 17.07 10.14
C MET D 79 -7.18 15.91 9.22
N LYS D 80 -7.64 16.09 7.99
CA LYS D 80 -7.63 15.08 6.95
C LYS D 80 -7.38 15.85 5.63
N PRO D 81 -6.15 15.88 5.17
CA PRO D 81 -5.78 16.65 3.99
C PRO D 81 -6.28 15.99 2.73
N ALA D 82 -6.36 16.81 1.69
CA ALA D 82 -6.68 16.35 0.36
C ALA D 82 -5.55 15.55 -0.27
N LYS D 83 -5.92 14.62 -1.14
CA LYS D 83 -4.93 13.86 -1.91
C LYS D 83 -5.10 14.20 -3.40
N ASN D 84 -4.01 14.68 -4.00
CA ASN D 84 -3.93 14.98 -5.43
C ASN D 84 -2.60 15.58 -5.79
N THR D 85 -2.09 15.25 -6.97
CA THR D 85 -0.87 15.86 -7.41
C THR D 85 -1.08 17.37 -7.49
N GLY D 86 -0.02 18.11 -7.16
CA GLY D 86 0.06 19.54 -7.35
C GLY D 86 -0.64 20.46 -6.37
N ILE D 87 -1.05 19.93 -5.21
CA ILE D 87 -1.73 20.75 -4.21
C ILE D 87 -1.08 20.62 -2.84
N VAL D 88 -1.49 21.52 -1.94
CA VAL D 88 -1.12 21.51 -0.54
C VAL D 88 -2.33 21.75 0.34
N SER D 89 -2.40 21.02 1.46
CA SER D 89 -3.35 21.27 2.56
C SER D 89 -2.48 21.62 3.75
N SER D 90 -2.88 22.58 4.58
CA SER D 90 -1.99 23.08 5.63
C SER D 90 -2.66 23.48 6.94
N PHE D 91 -1.79 23.64 7.93
CA PHE D 91 -2.11 24.21 9.23
C PHE D 91 -0.84 24.93 9.62
N PHE D 92 -0.94 26.20 9.96
CA PHE D 92 0.25 26.98 10.22
C PHE D 92 -0.02 28.28 10.97
N THR D 93 1.05 28.86 11.52
CA THR D 93 0.98 30.21 12.02
C THR D 93 1.71 31.07 11.01
N TYR D 94 1.28 32.31 10.91
CA TYR D 94 1.85 33.22 9.95
C TYR D 94 1.65 34.68 10.31
N THR D 95 2.73 35.43 10.15
CA THR D 95 2.72 36.89 10.12
C THR D 95 3.84 37.30 9.13
N GLY D 96 3.69 38.48 8.54
CA GLY D 96 4.64 38.96 7.56
C GLY D 96 4.36 40.39 7.18
N PRO D 97 4.97 40.82 6.08
CA PRO D 97 4.87 42.22 5.65
C PRO D 97 3.44 42.71 5.47
N ALA D 98 2.56 41.89 4.91
CA ALA D 98 1.17 42.30 4.74
C ALA D 98 0.48 42.55 6.08
N HIS D 99 1.08 42.07 7.16
CA HIS D 99 0.56 42.28 8.49
C HIS D 99 1.32 43.38 9.21
N GLY D 100 2.32 43.94 8.58
CA GLY D 100 3.10 45.00 9.20
C GLY D 100 4.22 44.47 10.08
N THR D 101 4.67 43.23 9.84
CA THR D 101 5.72 42.64 10.66
C THR D 101 6.71 41.90 9.82
N GLN D 102 7.79 41.44 10.45
CA GLN D 102 8.71 40.52 9.81
C GLN D 102 7.99 39.17 9.57
N TRP D 103 8.58 38.33 8.73
CA TRP D 103 7.98 37.05 8.32
C TRP D 103 8.39 35.93 9.25
N ASP D 104 7.49 35.62 10.19
CA ASP D 104 7.69 34.54 11.13
C ASP D 104 6.55 33.55 10.91
N GLN D 105 6.88 32.27 10.78
CA GLN D 105 5.88 31.26 10.48
C GLN D 105 6.32 29.87 10.93
N ILE D 106 5.34 29.06 11.33
CA ILE D 106 5.63 27.69 11.66
C ILE D 106 4.58 26.91 10.88
N ASP D 107 4.97 25.94 10.08
CA ASP D 107 3.99 25.31 9.22
C ASP D 107 4.00 23.77 9.18
N ILE D 108 2.82 23.22 8.97
CA ILE D 108 2.63 21.80 8.68
C ILE D 108 1.95 21.78 7.31
N GLN D 109 2.60 21.15 6.33
CA GLN D 109 2.02 21.07 4.98
C GLN D 109 1.94 19.63 4.54
N PHE D 110 0.78 19.26 4.03
CA PHE D 110 0.57 17.96 3.43
C PHE D 110 0.57 18.15 1.93
N LEU D 111 1.64 17.71 1.31
CA LEU D 111 1.72 17.75 -0.14
C LEU D 111 0.82 16.65 -0.71
N GLY D 112 -0.17 17.04 -1.52
CA GLY D 112 -1.14 16.11 -2.04
C GLY D 112 -0.55 15.02 -2.91
N LYS D 113 0.63 15.27 -3.44
CA LYS D 113 1.28 14.28 -4.29
C LYS D 113 1.66 13.05 -3.51
N ASP D 114 1.78 13.16 -2.19
CA ASP D 114 2.06 11.99 -1.36
C ASP D 114 1.61 12.24 0.07
N THR D 115 0.39 11.83 0.35
CA THR D 115 -0.22 12.09 1.65
C THR D 115 0.21 11.07 2.71
N THR D 116 1.20 10.22 2.40
CA THR D 116 1.79 9.38 3.45
C THR D 116 2.94 10.11 4.15
N LYS D 117 3.21 11.35 3.75
CA LYS D 117 4.26 12.15 4.33
C LYS D 117 3.74 13.51 4.70
N VAL D 118 4.47 14.18 5.58
CA VAL D 118 4.11 15.53 5.98
C VAL D 118 5.37 16.36 5.98
N GLN D 119 5.23 17.64 5.66
CA GLN D 119 6.38 18.53 5.68
C GLN D 119 6.23 19.56 6.79
N PHE D 120 7.27 19.68 7.61
CA PHE D 120 7.36 20.65 8.66
C PHE D 120 8.40 21.73 8.27
N ASN D 121 8.15 22.97 8.66
CA ASN D 121 9.11 24.04 8.38
C ASN D 121 8.83 25.23 9.25
N TYR D 122 9.72 26.22 9.22
CA TYR D 122 9.49 27.50 9.89
C TYR D 122 10.33 28.57 9.26
N TYR D 123 9.87 29.81 9.40
CA TYR D 123 10.61 30.99 8.93
C TYR D 123 10.71 31.95 10.07
N THR D 124 11.83 32.68 10.14
CA THR D 124 12.09 33.66 11.16
C THR D 124 12.74 34.84 10.45
N ASN D 125 12.10 35.99 10.52
CA ASN D 125 12.56 37.16 9.80
C ASN D 125 12.82 36.86 8.34
N GLY D 126 11.91 36.11 7.71
CA GLY D 126 12.01 35.79 6.29
C GLY D 126 12.99 34.71 5.92
N VAL D 127 13.63 34.11 6.93
CA VAL D 127 14.59 33.05 6.67
C VAL D 127 13.98 31.66 6.98
N GLY D 128 13.80 30.87 5.93
CA GLY D 128 13.30 29.50 6.03
C GLY D 128 14.42 28.49 5.82
N GLY D 129 14.18 27.51 4.95
CA GLY D 129 15.17 26.49 4.67
C GLY D 129 15.35 25.49 5.79
N HIS D 130 14.26 25.22 6.51
CA HIS D 130 14.31 24.25 7.60
C HIS D 130 13.38 23.09 7.32
N GLU D 131 13.01 22.88 6.06
CA GLU D 131 12.08 21.81 5.65
C GLU D 131 12.49 20.41 6.12
N LYS D 132 11.53 19.71 6.72
CA LYS D 132 11.72 18.35 7.17
C LYS D 132 10.52 17.56 6.71
N VAL D 133 10.79 16.51 5.94
CA VAL D 133 9.75 15.63 5.45
C VAL D 133 9.76 14.39 6.32
N ILE D 134 8.58 14.01 6.80
CA ILE D 134 8.42 12.90 7.74
C ILE D 134 7.46 11.88 7.17
N SER D 135 7.82 10.60 7.27
CA SER D 135 6.98 9.52 6.84
C SER D 135 5.98 9.29 7.96
N LEU D 136 4.69 9.37 7.69
CA LEU D 136 3.70 9.30 8.77
C LEU D 136 3.44 7.90 9.33
N GLY D 137 3.58 6.90 8.48
CA GLY D 137 3.18 5.56 8.83
C GLY D 137 1.74 5.26 8.46
N PHE D 138 1.12 6.16 7.68
CA PHE D 138 -0.26 6.06 7.24
C PHE D 138 -0.51 7.13 6.17
N ASP D 139 -1.65 7.02 5.51
CA ASP D 139 -2.07 7.97 4.51
C ASP D 139 -2.97 8.96 5.20
N ALA D 140 -2.48 10.17 5.37
CA ALA D 140 -3.21 11.22 6.09
C ALA D 140 -4.56 11.55 5.46
N SER D 141 -4.70 11.31 4.16
CA SER D 141 -5.96 11.60 3.51
C SER D 141 -7.11 10.65 3.77
N LYS D 142 -6.83 9.53 4.46
CA LYS D 142 -7.79 8.50 4.69
C LYS D 142 -8.45 8.55 6.06
N GLY D 143 -8.12 9.56 6.87
CA GLY D 143 -8.73 9.66 8.17
C GLY D 143 -8.26 10.88 8.91
N PHE D 144 -8.86 11.14 10.07
CA PHE D 144 -8.43 12.24 10.90
C PHE D 144 -7.39 11.78 11.89
N HIS D 145 -6.29 12.53 11.97
CA HIS D 145 -5.25 12.28 12.97
C HIS D 145 -4.89 13.63 13.57
N THR D 146 -4.19 13.61 14.70
CA THR D 146 -3.89 14.84 15.39
C THR D 146 -2.46 15.26 15.18
N TYR D 147 -2.28 16.49 14.71
CA TYR D 147 -0.97 17.03 14.43
C TYR D 147 -0.74 18.20 15.34
N ALA D 148 0.50 18.41 15.75
CA ALA D 148 0.73 19.54 16.64
C ALA D 148 2.11 20.10 16.57
N PHE D 149 2.25 21.34 16.99
CA PHE D 149 3.58 21.87 17.29
C PHE D 149 3.55 22.63 18.57
N ASP D 150 4.62 22.50 19.36
CA ASP D 150 4.78 23.26 20.58
C ASP D 150 5.88 24.26 20.31
N TRP D 151 5.49 25.52 20.33
CA TRP D 151 6.37 26.63 20.00
C TRP D 151 6.76 27.33 21.28
N GLN D 152 8.06 27.30 21.57
CA GLN D 152 8.60 27.93 22.76
C GLN D 152 9.82 28.74 22.38
N PRO D 153 10.29 29.63 23.23
CA PRO D 153 11.44 30.43 22.85
C PRO D 153 12.62 29.60 22.36
N GLY D 154 12.88 28.45 22.94
CA GLY D 154 14.08 27.72 22.58
C GLY D 154 13.88 26.59 21.61
N TYR D 155 12.63 26.35 21.21
CA TYR D 155 12.39 25.24 20.32
C TYR D 155 11.02 25.22 19.70
N ILE D 156 10.95 24.42 18.64
CA ILE D 156 9.68 23.98 18.08
C ILE D 156 9.72 22.45 18.08
N LYS D 157 8.68 21.84 18.62
CA LYS D 157 8.57 20.40 18.57
C LYS D 157 7.26 20.04 17.87
N TRP D 158 7.36 19.12 16.93
CA TRP D 158 6.19 18.68 16.16
C TRP D 158 5.82 17.24 16.53
N TYR D 159 4.53 17.01 16.64
CA TYR D 159 3.95 15.75 17.06
C TYR D 159 2.90 15.25 16.07
N VAL D 160 2.74 13.93 16.01
CA VAL D 160 1.71 13.27 15.24
C VAL D 160 1.10 12.26 16.19
N ASP D 161 -0.18 12.41 16.48
CA ASP D 161 -0.88 11.60 17.46
C ASP D 161 -0.08 11.51 18.78
N GLY D 162 0.47 12.64 19.18
CA GLY D 162 1.14 12.71 20.45
C GLY D 162 2.56 12.21 20.45
N VAL D 163 3.04 11.70 19.32
CA VAL D 163 4.40 11.22 19.20
C VAL D 163 5.32 12.30 18.66
N LEU D 164 6.41 12.57 19.36
CA LEU D 164 7.38 13.56 18.92
C LEU D 164 8.05 13.11 17.64
N LYS D 165 7.92 13.90 16.57
CA LYS D 165 8.48 13.50 15.31
C LYS D 165 9.65 14.37 14.83
N HIS D 166 9.79 15.57 15.36
CA HIS D 166 10.86 16.48 14.90
C HIS D 166 11.03 17.58 15.85
N THR D 167 12.27 18.04 16.01
CA THR D 167 12.57 19.14 16.88
C THR D 167 13.51 20.10 16.16
N ALA D 168 13.27 21.39 16.35
CA ALA D 168 14.16 22.43 15.84
C ALA D 168 14.53 23.30 17.03
N THR D 169 15.74 23.87 17.05
CA THR D 169 16.16 24.71 18.15
C THR D 169 16.92 25.98 17.71
N ALA D 170 17.12 26.12 16.41
CA ALA D 170 17.90 27.25 15.90
C ALA D 170 17.03 28.35 15.31
N ASN D 171 17.30 29.59 15.72
CA ASN D 171 16.61 30.74 15.16
C ASN D 171 15.09 30.54 15.19
N ILE D 172 14.54 30.35 16.38
CA ILE D 172 13.11 30.08 16.53
C ILE D 172 12.36 31.42 16.41
N PRO D 173 11.23 31.39 15.73
CA PRO D 173 10.41 32.59 15.58
C PRO D 173 10.01 33.18 16.93
N SER D 174 9.77 34.49 16.94
CA SER D 174 9.42 35.17 18.15
C SER D 174 8.24 36.12 17.95
N THR D 175 7.78 36.25 16.72
CA THR D 175 6.69 37.16 16.42
C THR D 175 5.34 36.45 16.33
N PRO D 176 4.43 36.79 17.23
CA PRO D 176 3.10 36.17 17.22
C PRO D 176 2.44 36.38 15.86
N GLY D 177 1.68 35.37 15.45
CA GLY D 177 1.01 35.39 14.17
C GLY D 177 -0.39 34.79 14.23
N LYS D 178 -1.08 34.84 13.10
CA LYS D 178 -2.40 34.25 13.00
C LYS D 178 -2.32 32.74 12.71
N ILE D 179 -3.29 31.99 13.21
CA ILE D 179 -3.41 30.57 12.91
C ILE D 179 -4.18 30.49 11.61
N MET D 180 -3.65 29.71 10.66
CA MET D 180 -4.29 29.61 9.36
C MET D 180 -4.33 28.19 8.86
N MET D 181 -5.31 27.94 8.02
CA MET D 181 -5.43 26.65 7.33
C MET D 181 -5.81 26.98 5.88
N ASN D 182 -5.14 26.33 4.94
CA ASN D 182 -5.49 26.55 3.55
C ASN D 182 -5.30 25.31 2.69
N LEU D 183 -5.90 25.39 1.51
CA LEU D 183 -5.83 24.35 0.52
C LEU D 183 -5.65 25.08 -0.80
N TRP D 184 -4.65 24.70 -1.57
CA TRP D 184 -4.37 25.44 -2.80
C TRP D 184 -3.60 24.57 -3.81
N ASN D 185 -3.66 24.98 -5.07
CA ASN D 185 -2.91 24.32 -6.12
C ASN D 185 -1.74 25.19 -6.54
N GLY D 186 -0.59 24.56 -6.78
CA GLY D 186 0.61 25.29 -7.12
C GLY D 186 0.87 25.44 -8.63
N THR D 187 1.65 26.45 -8.96
CA THR D 187 2.16 26.62 -10.31
C THR D 187 3.63 27.03 -10.18
N GLY D 188 4.47 26.56 -11.10
CA GLY D 188 5.87 26.91 -11.08
C GLY D 188 6.70 26.13 -10.05
N VAL D 189 6.10 25.13 -9.42
CA VAL D 189 6.79 24.30 -8.44
C VAL D 189 6.50 22.81 -8.68
N ASP D 190 6.54 22.39 -9.93
CA ASP D 190 6.23 20.99 -10.25
C ASP D 190 7.17 20.03 -9.56
N ASP D 191 8.43 20.41 -9.38
CA ASP D 191 9.37 19.50 -8.74
C ASP D 191 9.01 19.25 -7.28
N TRP D 192 8.46 20.26 -6.64
CA TRP D 192 8.11 20.15 -5.24
C TRP D 192 6.73 19.50 -5.05
N LEU D 193 5.73 20.00 -5.75
CA LEU D 193 4.36 19.52 -5.54
C LEU D 193 3.82 18.58 -6.57
N GLY D 194 4.57 18.37 -7.65
CA GLY D 194 3.99 17.68 -8.78
C GLY D 194 3.15 18.71 -9.56
N SER D 195 2.88 18.42 -10.82
CA SER D 195 2.04 19.28 -11.62
C SER D 195 0.59 19.11 -11.17
N TYR D 196 -0.18 20.21 -11.07
CA TYR D 196 -1.60 20.07 -10.80
C TYR D 196 -2.37 19.75 -12.09
N ASN D 197 -3.26 18.78 -12.00
CA ASN D 197 -3.98 18.28 -13.17
C ASN D 197 -5.46 18.68 -13.21
N GLY D 198 -5.83 19.73 -12.47
CA GLY D 198 -7.18 20.26 -12.55
C GLY D 198 -8.30 19.44 -11.95
N ALA D 199 -7.95 18.37 -11.21
CA ALA D 199 -8.98 17.53 -10.61
C ALA D 199 -9.79 18.38 -9.67
N ASN D 200 -11.11 18.28 -9.72
CA ASN D 200 -11.96 19.12 -8.89
C ASN D 200 -13.35 18.59 -8.76
N PRO D 201 -14.00 18.87 -7.65
CA PRO D 201 -13.44 19.59 -6.50
C PRO D 201 -12.62 18.68 -5.58
N LEU D 202 -11.74 19.29 -4.80
CA LEU D 202 -10.92 18.58 -3.79
C LEU D 202 -11.09 19.31 -2.46
N TYR D 203 -10.97 18.55 -1.37
CA TYR D 203 -11.24 19.10 -0.05
C TYR D 203 -10.27 18.66 1.01
N ALA D 204 -9.95 19.59 1.89
CA ALA D 204 -9.20 19.33 3.12
C ALA D 204 -10.16 19.59 4.28
N GLU D 205 -10.18 18.67 5.25
CA GLU D 205 -11.13 18.75 6.34
C GLU D 205 -10.44 18.88 7.67
N TYR D 206 -11.08 19.59 8.56
CA TYR D 206 -10.54 19.89 9.88
C TYR D 206 -11.64 19.71 10.90
N ASP D 207 -11.39 18.88 11.91
CA ASP D 207 -12.38 18.58 12.91
C ASP D 207 -12.33 19.57 14.07
N TRP D 208 -11.14 19.97 14.46
CA TRP D 208 -10.98 20.94 15.55
C TRP D 208 -9.57 21.47 15.57
N VAL D 209 -9.43 22.65 16.20
CA VAL D 209 -8.14 23.24 16.45
C VAL D 209 -8.12 23.66 17.90
N LYS D 210 -6.97 23.52 18.52
CA LYS D 210 -6.79 23.92 19.91
C LYS D 210 -5.46 24.63 20.10
N TYR D 211 -5.47 25.73 20.86
CA TYR D 211 -4.24 26.40 21.21
C TYR D 211 -4.19 26.52 22.72
N THR D 212 -3.07 26.12 23.30
CA THR D 212 -2.88 26.20 24.76
C THR D 212 -1.73 27.13 25.05
N SER D 213 -2.02 28.25 25.68
CA SER D 213 -0.98 29.23 26.01
C SER D 213 -0.11 28.69 27.15
N ASN D 214 0.99 29.39 27.40
CA ASN D 214 1.79 29.06 28.57
C ASN D 214 1.09 29.70 29.74
C2 BGC E . 24.69 -16.29 -4.51
C3 BGC E . 24.42 -17.79 -4.53
C4 BGC E . 22.97 -17.92 -4.08
C5 BGC E . 22.02 -17.15 -5.00
C6 BGC E . 20.54 -17.32 -4.57
C1 BGC E . 23.73 -15.52 -5.41
O1 BGC E . 23.91 -14.13 -5.28
O2 BGC E . 26.03 -16.02 -4.92
O3 BGC E . 25.22 -18.46 -3.56
O4 BGC E . 22.54 -19.27 -4.02
O5 BGC E . 22.38 -15.79 -5.03
O6 BGC E . 20.24 -16.65 -3.36
C2 BGC E . 27.04 -19.96 -3.01
C3 BGC E . 27.70 -21.21 -3.54
C4 BGC E . 26.65 -22.23 -3.96
C5 BGC E . 25.49 -21.61 -4.78
C6 BGC E . 24.41 -22.63 -5.12
C1 BGC E . 26.01 -19.58 -4.03
O2 BGC E . 28.03 -18.94 -2.90
O3 BGC E . 28.58 -21.74 -2.57
O4 BGC E . 27.25 -23.27 -4.70
O5 BGC E . 24.93 -20.44 -4.17
O6 BGC E . 23.76 -22.99 -3.92
C2 BGC E . 27.28 -25.59 -5.29
C3 BGC E . 27.10 -27.03 -4.84
C4 BGC E . 27.86 -27.25 -3.57
C5 BGC E . 27.47 -26.24 -2.49
C6 BGC E . 28.23 -26.52 -1.21
C1 BGC E . 27.21 -24.59 -4.12
O2 BGC E . 26.39 -25.30 -6.33
O3 BGC E . 27.52 -27.95 -5.86
O4 BGC E . 27.39 -28.50 -3.12
O5 BGC E . 27.73 -24.91 -2.85
O6 BGC E . 29.57 -26.24 -1.45
C2 BGC E . 27.91 -30.58 -2.11
C3 BGC E . 28.96 -31.66 -1.98
C4 BGC E . 29.19 -32.11 -3.40
C5 BGC E . 29.93 -31.03 -4.21
C6 BGC E . 29.87 -31.33 -5.71
C1 BGC E . 28.40 -29.52 -3.08
O2 BGC E . 27.73 -29.95 -0.87
O3 BGC E . 28.45 -32.70 -1.18
O4 BGC E . 29.97 -33.27 -3.38
O5 BGC E . 29.49 -29.70 -3.94
O6 BGC E . 28.61 -31.80 -6.10
C2 BGC F . -10.58 -12.03 26.22
C3 BGC F . -9.45 -12.02 27.25
C4 BGC F . -8.14 -11.61 26.56
C5 BGC F . -8.34 -10.26 25.86
C6 BGC F . -7.10 -9.74 25.11
C1 BGC F . -10.65 -10.67 25.53
O1 BGC F . -11.58 -10.75 24.49
O2 BGC F . -11.85 -12.33 26.80
O3 BGC F . -9.29 -13.29 27.85
O4 BGC F . -7.05 -11.61 27.47
O5 BGC F . -9.41 -10.36 24.94
O6 BGC F . -6.81 -10.58 24.02
C2 BGC F . -9.57 -14.82 29.70
C3 BGC F . -9.43 -14.93 31.21
C4 BGC F . -8.16 -14.23 31.64
C5 BGC F . -8.01 -12.83 31.00
C6 BGC F . -6.75 -12.08 31.38
C1 BGC F . -9.34 -13.38 29.30
O2 BGC F . -10.80 -15.25 29.21
O3 BGC F . -9.47 -16.30 31.57
O4 BGC F . -8.26 -14.13 33.04
O5 BGC F . -8.06 -12.93 29.56
O6 BGC F . -5.62 -12.78 30.90
C2 BGC F . -7.14 -13.69 35.15
C3 BGC F . -5.93 -14.13 35.96
C4 BGC F . -5.85 -15.63 35.99
C5 BGC F . -6.04 -16.20 34.57
C6 BGC F . -5.91 -17.72 34.56
C1 BGC F . -7.08 -14.41 33.82
O2 BGC F . -7.16 -12.27 35.03
O3 BGC F . -5.99 -13.61 37.27
O4 BGC F . -4.58 -15.92 36.56
O5 BGC F . -7.27 -15.78 33.96
O6 BGC F . -7.09 -18.31 35.03
C2 BGC F . -3.32 -17.20 38.20
C3 BGC F . -3.28 -17.87 39.55
C4 BGC F . -3.76 -16.81 40.51
C5 BGC F . -5.22 -16.42 40.26
C6 BGC F . -5.66 -15.24 41.12
C1 BGC F . -4.61 -16.46 37.91
O2 BGC F . -3.10 -18.19 37.21
O3 BGC F . -1.97 -18.33 39.85
O4 BGC F . -3.73 -17.33 41.83
O5 BGC F . -5.57 -16.16 38.89
O6 BGC F . -4.61 -14.33 41.32
C2 BGC G . -17.98 -1.42 -24.86
C3 BGC G . -17.38 -0.61 -26.00
C4 BGC G . -16.18 0.16 -25.42
C5 BGC G . -15.21 -0.85 -24.80
C6 BGC G . -13.95 -0.18 -24.21
C1 BGC G . -16.95 -2.31 -24.22
O1 BGC G . -17.49 -3.02 -23.13
O2 BGC G . -19.06 -2.21 -25.34
O3 BGC G . -18.34 0.28 -26.54
O4 BGC G . -15.54 0.95 -26.42
O5 BGC G . -15.88 -1.53 -23.75
O6 BGC G . -14.27 0.65 -23.12
C2 BGC G . -19.78 1.03 -28.31
C3 BGC G . -19.84 1.08 -29.82
C4 BGC G . -18.54 1.61 -30.39
C5 BGC G . -17.34 0.88 -29.77
C6 BGC G . -16.01 1.37 -30.32
C1 BGC G . -18.53 0.31 -27.98
O2 BGC G . -20.88 0.32 -27.79
O3 BGC G . -20.94 1.91 -30.16
O4 BGC G . -18.59 1.32 -31.77
O5 BGC G . -17.36 0.98 -28.34
O6 BGC G . -15.79 2.66 -29.80
C2 BGC G . -17.87 1.95 -34.01
C3 BGC G . -17.60 3.12 -34.94
C4 BGC G . -18.71 4.16 -34.88
C5 BGC G . -18.97 4.62 -33.46
C6 BGC G . -20.16 5.57 -33.31
C1 BGC G . -18.46 2.44 -32.67
O2 BGC G . -16.72 1.12 -33.91
O3 BGC G . -17.39 2.57 -36.23
O4 BGC G . -18.20 5.31 -35.55
O5 BGC G . -19.26 3.59 -32.56
O6 BGC G . -21.36 4.84 -33.47
C2 BGC G . -18.41 7.03 -37.27
C3 BGC G . -19.14 7.37 -38.53
C4 BGC G . -18.74 6.31 -39.54
C5 BGC G . -19.39 4.97 -39.16
C6 BGC G . -18.88 3.77 -39.99
C1 BGC G . -18.75 5.60 -36.85
O2 BGC G . -18.79 7.93 -36.28
O3 BGC G . -18.77 8.67 -38.94
O4 BGC G . -19.20 6.74 -40.81
O5 BGC G . -19.30 4.65 -37.75
O6 BGC G . -17.50 3.83 -40.31
C2 BGC H . 3.99 29.30 3.15
C3 BGC H . 2.67 30.04 3.23
C4 BGC H . 1.57 29.03 2.92
C5 BGC H . 1.63 27.89 3.95
C6 BGC H . 0.56 26.81 3.75
C1 BGC H . 3.92 28.15 4.15
O1 BGC H . 5.06 27.38 4.13
O2 BGC H . 5.06 30.17 3.49
O3 BGC H . 2.63 31.09 2.29
O4 BGC H . 0.31 29.68 2.93
O5 BGC H . 2.88 27.26 3.83
O6 BGC H . 0.69 26.24 2.47
C2 BGC H . 2.73 33.46 1.75
C3 BGC H . 2.24 34.79 2.29
C4 BGC H . 0.79 34.69 2.74
C5 BGC H . 0.52 33.43 3.60
C6 BGC H . -0.94 33.30 4.00
C1 BGC H . 2.35 32.42 2.80
O2 BGC H . 4.13 33.47 1.59
O3 BGC H . 2.42 35.76 1.27
O4 BGC H . 0.51 35.87 3.48
O5 BGC H . 0.97 32.24 2.97
O6 BGC H . -1.70 32.95 2.87
C2 BGC H . -1.21 37.51 4.12
C3 BGC H . -2.42 38.30 3.65
C4 BGC H . -2.14 38.91 2.29
C5 BGC H . -1.72 37.85 1.29
C6 BGC H . -1.38 38.45 -0.09
C1 BGC H . -0.56 36.70 2.97
O2 BGC H . -1.52 36.71 5.25
O3 BGC H . -2.74 39.28 4.63
O4 BGC H . -3.36 39.39 1.84
O5 BGC H . -0.55 37.16 1.65
O6 BGC H . -0.22 39.23 0.05
C2 BGC H . -4.50 41.09 0.55
C3 BGC H . -4.77 42.58 0.41
C4 BGC H . -5.20 42.97 1.80
C5 BGC H . -3.93 43.02 2.65
C6 BGC H . -4.31 43.28 4.11
C1 BGC H . -3.51 40.82 1.69
O2 BGC H . -4.02 40.59 -0.68
O3 BGC H . -5.80 42.79 -0.54
O4 BGC H . -5.85 44.22 1.76
O5 BGC H . -3.09 41.86 2.55
O6 BGC H . -5.58 42.72 4.34
CA CA I . 3.58 -24.86 -14.58
ZN ZN J . 3.11 -8.52 -14.08
ZN ZN K . 20.63 0.12 -14.32
CA CA L . 5.40 7.25 26.96
ZN ZN M . -3.66 8.44 14.09
CA CA N . 6.72 -0.94 -28.13
CA CA O . -15.62 19.35 15.03
#